data_1D36
# 
_entry.id   1D36 
# 
_audit_conform.dict_name       mmcif_pdbx.dic 
_audit_conform.dict_version    5.385 
_audit_conform.dict_location   http://mmcif.pdb.org/dictionaries/ascii/mmcif_pdbx.dic 
# 
loop_
_database_2.database_id 
_database_2.database_code 
_database_2.pdbx_database_accession 
_database_2.pdbx_DOI 
PDB   1D36         pdb_00001d36 10.2210/pdb1d36/pdb 
RCSB  DDF026       ?            ?                   
WWPDB D_1000172640 ?            ?                   
# 
loop_
_pdbx_audit_revision_history.ordinal 
_pdbx_audit_revision_history.data_content_type 
_pdbx_audit_revision_history.major_revision 
_pdbx_audit_revision_history.minor_revision 
_pdbx_audit_revision_history.revision_date 
1 'Structure model' 1 0 1992-04-15 
2 'Structure model' 1 1 2008-05-22 
3 'Structure model' 1 2 2011-07-13 
4 'Structure model' 1 3 2024-02-07 
# 
_pdbx_audit_revision_details.ordinal             1 
_pdbx_audit_revision_details.revision_ordinal    1 
_pdbx_audit_revision_details.data_content_type   'Structure model' 
_pdbx_audit_revision_details.provider            repository 
_pdbx_audit_revision_details.type                'Initial release' 
_pdbx_audit_revision_details.description         ? 
_pdbx_audit_revision_details.details             ? 
# 
loop_
_pdbx_audit_revision_group.ordinal 
_pdbx_audit_revision_group.revision_ordinal 
_pdbx_audit_revision_group.data_content_type 
_pdbx_audit_revision_group.group 
1 2 'Structure model' 'Version format compliance' 
2 3 'Structure model' 'Version format compliance' 
3 4 'Structure model' 'Data collection'           
4 4 'Structure model' 'Database references'       
5 4 'Structure model' 'Derived calculations'      
6 4 'Structure model' 'Structure summary'         
# 
loop_
_pdbx_audit_revision_category.ordinal 
_pdbx_audit_revision_category.revision_ordinal 
_pdbx_audit_revision_category.data_content_type 
_pdbx_audit_revision_category.category 
1 4 'Structure model' chem_comp              
2 4 'Structure model' chem_comp_atom         
3 4 'Structure model' chem_comp_bond         
4 4 'Structure model' database_2             
5 4 'Structure model' pdbx_struct_conn_angle 
6 4 'Structure model' struct_conn            
7 4 'Structure model' struct_site            
# 
loop_
_pdbx_audit_revision_item.ordinal 
_pdbx_audit_revision_item.revision_ordinal 
_pdbx_audit_revision_item.data_content_type 
_pdbx_audit_revision_item.item 
1  4 'Structure model' '_chem_comp.pdbx_synonyms'                    
2  4 'Structure model' '_database_2.pdbx_DOI'                        
3  4 'Structure model' '_database_2.pdbx_database_accession'         
4  4 'Structure model' '_pdbx_struct_conn_angle.ptnr1_auth_comp_id'  
5  4 'Structure model' '_pdbx_struct_conn_angle.ptnr1_auth_seq_id'   
6  4 'Structure model' '_pdbx_struct_conn_angle.ptnr1_label_asym_id' 
7  4 'Structure model' '_pdbx_struct_conn_angle.ptnr1_label_atom_id' 
8  4 'Structure model' '_pdbx_struct_conn_angle.ptnr1_label_comp_id' 
9  4 'Structure model' '_pdbx_struct_conn_angle.ptnr1_label_seq_id'  
10 4 'Structure model' '_pdbx_struct_conn_angle.ptnr3_auth_comp_id'  
11 4 'Structure model' '_pdbx_struct_conn_angle.ptnr3_auth_seq_id'   
12 4 'Structure model' '_pdbx_struct_conn_angle.ptnr3_label_asym_id' 
13 4 'Structure model' '_pdbx_struct_conn_angle.ptnr3_label_atom_id' 
14 4 'Structure model' '_pdbx_struct_conn_angle.ptnr3_label_comp_id' 
15 4 'Structure model' '_pdbx_struct_conn_angle.ptnr3_label_seq_id'  
16 4 'Structure model' '_pdbx_struct_conn_angle.value'               
17 4 'Structure model' '_struct_conn.pdbx_dist_value'                
18 4 'Structure model' '_struct_conn.ptnr1_auth_comp_id'             
19 4 'Structure model' '_struct_conn.ptnr1_auth_seq_id'              
20 4 'Structure model' '_struct_conn.ptnr1_label_asym_id'            
21 4 'Structure model' '_struct_conn.ptnr1_label_atom_id'            
22 4 'Structure model' '_struct_conn.ptnr1_label_comp_id'            
23 4 'Structure model' '_struct_conn.ptnr1_label_seq_id'             
24 4 'Structure model' '_struct_conn.ptnr2_auth_comp_id'             
25 4 'Structure model' '_struct_conn.ptnr2_auth_seq_id'              
26 4 'Structure model' '_struct_conn.ptnr2_label_asym_id'            
27 4 'Structure model' '_struct_conn.ptnr2_label_atom_id'            
28 4 'Structure model' '_struct_conn.ptnr2_label_comp_id'            
29 4 'Structure model' '_struct_conn.ptnr2_label_seq_id'             
30 4 'Structure model' '_struct_site.pdbx_auth_asym_id'              
31 4 'Structure model' '_struct_site.pdbx_auth_comp_id'              
32 4 'Structure model' '_struct_site.pdbx_auth_seq_id'               
# 
_pdbx_database_status.status_code                     REL 
_pdbx_database_status.entry_id                        1D36 
_pdbx_database_status.recvd_initial_deposition_date   1991-04-23 
_pdbx_database_status.deposit_site                    BNL 
_pdbx_database_status.process_site                    NDB 
_pdbx_database_status.SG_entry                        . 
_pdbx_database_status.pdb_format_compatible           Y 
_pdbx_database_status.status_code_mr                  ? 
_pdbx_database_status.status_code_sf                  ? 
_pdbx_database_status.status_code_cs                  ? 
_pdbx_database_status.status_code_nmr_data            ? 
_pdbx_database_status.methods_development_category    ? 
# 
loop_
_audit_author.name 
_audit_author.pdbx_ordinal 
'Gao, Y.-G.'          1 
'Liaw, Y.-C.'         2 
'Li, Y.-K.'           3 
'Van Der Marel, G.A.' 4 
'Van Boom, J.H.'      5 
'Wang, A.H.-J.'       6 
# 
loop_
_citation.id 
_citation.title 
_citation.journal_abbrev 
_citation.journal_volume 
_citation.page_first 
_citation.page_last 
_citation.year 
_citation.journal_id_ASTM 
_citation.country 
_citation.journal_id_ISSN 
_citation.journal_id_CSD 
_citation.book_publisher 
_citation.pdbx_database_id_PubMed 
_citation.pdbx_database_id_DOI 
primary 
;Facile formation of a crosslinked adduct between DNA and the daunorubicin derivative MAR70 mediated by formaldehyde: molecular structure of the MAR70-d(CGTnACG) covalent adduct.
;
Proc.Natl.Acad.Sci.USA  88 4845 4849 1991 PNASA6 US 0027-8424 0040 ? 2052564 10.1073/pnas.88.11.4845 
1       
;Influence of Aglycone Modifications on the Binding of Anthracycline Drugs to DNA: The Molecular Structure of Idarubicin and 4-O-Demethyl-11- Deoxydoxorubicin Complexed to d(CGATCG)
;
'Anti-Cancer Drug Des.' 6  137  ?    1991 ACDDEA UK 0266-9536 0807 ? ?       ?                       
# 
loop_
_citation_author.citation_id 
_citation_author.name 
_citation_author.ordinal 
_citation_author.identifier_ORCID 
primary 'Gao, Y.G.'           1 ? 
primary 'Liaw, Y.C.'          2 ? 
primary 'Li, Y.K.'            3 ? 
primary 'van der Marel, G.A.' 4 ? 
primary 'van Boom, J.H.'      5 ? 
primary 'Wang, A.H.'          6 ? 
1       'Gao, Y.-G.'          7 ? 
1       'Wang, A.H.-J.'       8 ? 
# 
loop_
_entity.id 
_entity.type 
_entity.src_method 
_entity.pdbx_description 
_entity.formula_weight 
_entity.pdbx_number_of_molecules 
_entity.pdbx_ec 
_entity.pdbx_mutation 
_entity.pdbx_fragment 
_entity.details 
1 polymer     syn 
;DNA (5'-D(*CP*GP*TP*AP*CP*G)-3')
;
1809.217 1  ? ? ? ? 
2 non-polymer syn "4'-EPI-4'-(2-DEOXYFUCOSE)DAUNOMYCIN" 657.662  1  ? ? ? ? 
3 non-polymer syn 'MAGNESIUM ION'                       24.305   1  ? ? ? ? 
4 water       nat water                                 18.015   68 ? ? ? ? 
# 
_entity_poly.entity_id                      1 
_entity_poly.type                           polydeoxyribonucleotide 
_entity_poly.nstd_linkage                   no 
_entity_poly.nstd_monomer                   no 
_entity_poly.pdbx_seq_one_letter_code       '(DC)(DG)(DT)(DA)(DC)(DG)' 
_entity_poly.pdbx_seq_one_letter_code_can   CGTACG 
_entity_poly.pdbx_strand_id                 A 
_entity_poly.pdbx_target_identifier         ? 
# 
loop_
_pdbx_entity_nonpoly.entity_id 
_pdbx_entity_nonpoly.name 
_pdbx_entity_nonpoly.comp_id 
2 "4'-EPI-4'-(2-DEOXYFUCOSE)DAUNOMYCIN" MAR 
3 'MAGNESIUM ION'                       MG  
4 water                                 HOH 
# 
loop_
_entity_poly_seq.entity_id 
_entity_poly_seq.num 
_entity_poly_seq.mon_id 
_entity_poly_seq.hetero 
1 1 DC n 
1 2 DG n 
1 3 DT n 
1 4 DA n 
1 5 DC n 
1 6 DG n 
# 
loop_
_chem_comp.id 
_chem_comp.type 
_chem_comp.mon_nstd_flag 
_chem_comp.name 
_chem_comp.pdbx_synonyms 
_chem_comp.formula 
_chem_comp.formula_weight 
DA  'DNA linking' y "2'-DEOXYADENOSINE-5'-MONOPHOSPHATE"  ?                              'C10 H14 N5 O6 P' 331.222 
DC  'DNA linking' y "2'-DEOXYCYTIDINE-5'-MONOPHOSPHATE"   ?                              'C9 H14 N3 O7 P'  307.197 
DG  'DNA linking' y "2'-DEOXYGUANOSINE-5'-MONOPHOSPHATE"  ?                              'C10 H14 N5 O7 P' 347.221 
DT  'DNA linking' y "THYMIDINE-5'-MONOPHOSPHATE"          ?                              'C10 H15 N2 O8 P' 322.208 
HOH non-polymer   . WATER                                 ?                              'H2 O'            18.015  
MAR non-polymer   . "4'-EPI-4'-(2-DEOXYFUCOSE)DAUNOMYCIN" 'MAR70; DAUNOMYCIN DERIVATIVE' 'C33 H39 N O13'   657.662 
MG  non-polymer   . 'MAGNESIUM ION'                       ?                              'Mg 2'            24.305  
# 
loop_
_pdbx_poly_seq_scheme.asym_id 
_pdbx_poly_seq_scheme.entity_id 
_pdbx_poly_seq_scheme.seq_id 
_pdbx_poly_seq_scheme.mon_id 
_pdbx_poly_seq_scheme.ndb_seq_num 
_pdbx_poly_seq_scheme.pdb_seq_num 
_pdbx_poly_seq_scheme.auth_seq_num 
_pdbx_poly_seq_scheme.pdb_mon_id 
_pdbx_poly_seq_scheme.auth_mon_id 
_pdbx_poly_seq_scheme.pdb_strand_id 
_pdbx_poly_seq_scheme.pdb_ins_code 
_pdbx_poly_seq_scheme.hetero 
A 1 1 DC 1 1 1 DC C A . n 
A 1 2 DG 2 2 2 DG G A . n 
A 1 3 DT 3 3 3 DT T A . n 
A 1 4 DA 4 4 4 DA A A . n 
A 1 5 DC 5 5 5 DC C A . n 
A 1 6 DG 6 6 6 DG G A . n 
# 
loop_
_pdbx_nonpoly_scheme.asym_id 
_pdbx_nonpoly_scheme.entity_id 
_pdbx_nonpoly_scheme.mon_id 
_pdbx_nonpoly_scheme.ndb_seq_num 
_pdbx_nonpoly_scheme.pdb_seq_num 
_pdbx_nonpoly_scheme.auth_seq_num 
_pdbx_nonpoly_scheme.pdb_mon_id 
_pdbx_nonpoly_scheme.auth_mon_id 
_pdbx_nonpoly_scheme.pdb_strand_id 
_pdbx_nonpoly_scheme.pdb_ins_code 
B 2 MAR 1  7  7  MAR MAR A . 
C 3 MG  1  8  8  MG  MG  A . 
D 4 HOH 1  9  9  HOH HOH A . 
D 4 HOH 2  10 10 HOH HOH A . 
D 4 HOH 3  11 11 HOH HOH A . 
D 4 HOH 4  12 12 HOH HOH A . 
D 4 HOH 5  13 13 HOH HOH A . 
D 4 HOH 6  14 14 HOH HOH A . 
D 4 HOH 7  15 15 HOH HOH A . 
D 4 HOH 8  16 16 HOH HOH A . 
D 4 HOH 9  17 17 HOH HOH A . 
D 4 HOH 10 18 18 HOH HOH A . 
D 4 HOH 11 19 19 HOH HOH A . 
D 4 HOH 12 20 20 HOH HOH A . 
D 4 HOH 13 21 21 HOH HOH A . 
D 4 HOH 14 22 22 HOH HOH A . 
D 4 HOH 15 23 23 HOH HOH A . 
D 4 HOH 16 24 24 HOH HOH A . 
D 4 HOH 17 25 25 HOH HOH A . 
D 4 HOH 18 26 26 HOH HOH A . 
D 4 HOH 19 27 27 HOH HOH A . 
D 4 HOH 20 28 28 HOH HOH A . 
D 4 HOH 21 29 29 HOH HOH A . 
D 4 HOH 22 30 30 HOH HOH A . 
D 4 HOH 23 31 31 HOH HOH A . 
D 4 HOH 24 32 32 HOH HOH A . 
D 4 HOH 25 33 33 HOH HOH A . 
D 4 HOH 26 34 34 HOH HOH A . 
D 4 HOH 27 35 35 HOH HOH A . 
D 4 HOH 28 36 36 HOH HOH A . 
D 4 HOH 29 37 37 HOH HOH A . 
D 4 HOH 30 38 38 HOH HOH A . 
D 4 HOH 31 39 39 HOH HOH A . 
D 4 HOH 32 40 40 HOH HOH A . 
D 4 HOH 33 41 41 HOH HOH A . 
D 4 HOH 34 42 42 HOH HOH A . 
D 4 HOH 35 43 43 HOH HOH A . 
D 4 HOH 36 44 44 HOH HOH A . 
D 4 HOH 37 45 45 HOH HOH A . 
D 4 HOH 38 46 46 HOH HOH A . 
D 4 HOH 39 47 47 HOH HOH A . 
D 4 HOH 40 48 48 HOH HOH A . 
D 4 HOH 41 49 49 HOH HOH A . 
D 4 HOH 42 50 50 HOH HOH A . 
D 4 HOH 43 51 51 HOH HOH A . 
D 4 HOH 44 52 52 HOH HOH A . 
D 4 HOH 45 53 53 HOH HOH A . 
D 4 HOH 46 54 54 HOH HOH A . 
D 4 HOH 47 55 55 HOH HOH A . 
D 4 HOH 48 56 56 HOH HOH A . 
D 4 HOH 49 57 57 HOH HOH A . 
D 4 HOH 50 58 58 HOH HOH A . 
D 4 HOH 51 59 59 HOH HOH A . 
D 4 HOH 52 60 60 HOH HOH A . 
D 4 HOH 53 61 61 HOH HOH A . 
D 4 HOH 54 62 62 HOH HOH A . 
D 4 HOH 55 63 63 HOH HOH A . 
D 4 HOH 56 64 64 HOH HOH A . 
D 4 HOH 57 65 65 HOH HOH A . 
D 4 HOH 58 66 66 HOH HOH A . 
D 4 HOH 59 67 67 HOH HOH A . 
D 4 HOH 60 68 68 HOH HOH A . 
D 4 HOH 61 69 69 HOH HOH A . 
D 4 HOH 62 70 70 HOH HOH A . 
D 4 HOH 63 71 71 HOH HOH A . 
D 4 HOH 64 72 72 HOH HOH A . 
D 4 HOH 65 73 73 HOH HOH A . 
D 4 HOH 66 74 74 HOH HOH A . 
D 4 HOH 67 75 75 HOH HOH A . 
D 4 HOH 68 76 76 HOH HOH A . 
# 
_software.name             NUCLSQ 
_software.classification   refinement 
_software.version          . 
_software.citation_id      ? 
_software.pdbx_ordinal     1 
# 
_cell.entry_id           1D36 
_cell.length_a           28.010 
_cell.length_b           28.010 
_cell.length_c           53.110 
_cell.angle_alpha        90.00 
_cell.angle_beta         90.00 
_cell.angle_gamma        90.00 
_cell.Z_PDB              8 
_cell.pdbx_unique_axis   ? 
# 
_symmetry.entry_id                         1D36 
_symmetry.space_group_name_H-M             'P 41 21 2' 
_symmetry.pdbx_full_space_group_name_H-M   ? 
_symmetry.cell_setting                     ? 
_symmetry.Int_Tables_number                92 
# 
_exptl.entry_id          1D36 
_exptl.method            'X-RAY DIFFRACTION' 
_exptl.crystals_number   ? 
# 
_exptl_crystal.id                    1 
_exptl_crystal.density_meas          ? 
_exptl_crystal.density_Matthews      2.88 
_exptl_crystal.density_percent_sol   57.27 
_exptl_crystal.description           ? 
# 
_exptl_crystal_grow.crystal_id      1 
_exptl_crystal_grow.method          'VAPOR DIFFUSION' 
_exptl_crystal_grow.temp            ? 
_exptl_crystal_grow.temp_details    'ROOM TEMPERATURE' 
_exptl_crystal_grow.pH              6.00 
_exptl_crystal_grow.pdbx_details    'pH 6.00, VAPOR DIFFUSION' 
_exptl_crystal_grow.pdbx_pH_range   ? 
# 
loop_
_exptl_crystal_grow_comp.crystal_id 
_exptl_crystal_grow_comp.id 
_exptl_crystal_grow_comp.sol_id 
_exptl_crystal_grow_comp.name 
_exptl_crystal_grow_comp.volume 
_exptl_crystal_grow_comp.conc 
_exptl_crystal_grow_comp.details 
1 1 1 WATER           ? ? ? 
1 2 1 MPD             ? ? ? 
1 3 1 MGCL2           ? ? ? 
1 4 1 'NA CACODYLATE' ? ? ? 
1 5 1 SPERMINE        ? ? ? 
1 6 2 WATER           ? ? ? 
1 7 2 MPD             ? ? ? 
# 
_diffrn.id                     1 
_diffrn.ambient_temp           ? 
_diffrn.ambient_temp_details   'ROOM TEMPERATURE' 
_diffrn.crystal_id             1 
# 
_diffrn_detector.diffrn_id              1 
_diffrn_detector.detector               DIFFRACTOMETER 
_diffrn_detector.type                   'RIGAKU AFC-5R' 
_diffrn_detector.pdbx_collection_date   ? 
_diffrn_detector.details                ? 
# 
_diffrn_radiation.diffrn_id                        1 
_diffrn_radiation.wavelength_id                    1 
_diffrn_radiation.pdbx_monochromatic_or_laue_m_l   ? 
_diffrn_radiation.monochromator                    ? 
_diffrn_radiation.pdbx_diffrn_protocol             ? 
_diffrn_radiation.pdbx_scattering_type             x-ray 
# 
_diffrn_radiation_wavelength.id           1 
_diffrn_radiation_wavelength.wavelength   1.5418 
_diffrn_radiation_wavelength.wt           1.0 
# 
_diffrn_source.diffrn_id                   1 
_diffrn_source.source                      'ROTATING ANODE' 
_diffrn_source.type                        RIGAKU 
_diffrn_source.pdbx_synchrotron_site       ? 
_diffrn_source.pdbx_synchrotron_beamline   ? 
_diffrn_source.pdbx_wavelength             1.5418 
_diffrn_source.pdbx_wavelength_list        ? 
# 
_reflns.entry_id                     1D36 
_reflns.observed_criterion_sigma_I   ? 
_reflns.observed_criterion_sigma_F   2.000 
_reflns.d_resolution_low             ? 
_reflns.d_resolution_high            1.500 
_reflns.number_obs                   2168 
_reflns.number_all                   ? 
_reflns.percent_possible_obs         ? 
_reflns.pdbx_Rmerge_I_obs            ? 
_reflns.pdbx_Rsym_value              ? 
_reflns.pdbx_netI_over_sigmaI        ? 
_reflns.B_iso_Wilson_estimate        ? 
_reflns.pdbx_redundancy              ? 
_reflns.pdbx_diffrn_id               1 
_reflns.pdbx_ordinal                 1 
# 
_refine.entry_id                                 1D36 
_refine.ls_number_reflns_obs                     2168 
_refine.ls_number_reflns_all                     ? 
_refine.pdbx_ls_sigma_I                          ? 
_refine.pdbx_ls_sigma_F                          2.000 
_refine.pdbx_data_cutoff_high_absF               ? 
_refine.pdbx_data_cutoff_low_absF                ? 
_refine.pdbx_data_cutoff_high_rms_absF           ? 
_refine.ls_d_res_low                             ? 
_refine.ls_d_res_high                            1.500 
_refine.ls_percent_reflns_obs                    ? 
_refine.ls_R_factor_obs                          0.1640000 
_refine.ls_R_factor_all                          ? 
_refine.ls_R_factor_R_work                       ? 
_refine.ls_R_factor_R_free                       ? 
_refine.ls_R_factor_R_free_error                 ? 
_refine.ls_R_factor_R_free_error_details         ? 
_refine.ls_percent_reflns_R_free                 ? 
_refine.ls_number_reflns_R_free                  ? 
_refine.ls_number_parameters                     ? 
_refine.ls_number_restraints                     ? 
_refine.occupancy_min                            ? 
_refine.occupancy_max                            ? 
_refine.B_iso_mean                               ? 
_refine.aniso_B[1][1]                            ? 
_refine.aniso_B[2][2]                            ? 
_refine.aniso_B[3][3]                            ? 
_refine.aniso_B[1][2]                            ? 
_refine.aniso_B[1][3]                            ? 
_refine.aniso_B[2][3]                            ? 
_refine.solvent_model_details                    ? 
_refine.solvent_model_param_ksol                 ? 
_refine.solvent_model_param_bsol                 ? 
_refine.pdbx_ls_cross_valid_method               ? 
_refine.details                                  ? 
_refine.pdbx_starting_model                      ? 
_refine.pdbx_method_to_determine_struct          ? 
_refine.pdbx_isotropic_thermal_model             ? 
_refine.pdbx_stereochemistry_target_values       ? 
_refine.pdbx_stereochem_target_val_spec_case     ? 
_refine.pdbx_R_Free_selection_details            ? 
_refine.pdbx_overall_ESU_R                       ? 
_refine.pdbx_overall_ESU_R_Free                  ? 
_refine.overall_SU_ML                            ? 
_refine.overall_SU_B                             ? 
_refine.pdbx_refine_id                           'X-RAY DIFFRACTION' 
_refine.pdbx_diffrn_id                           1 
_refine.pdbx_TLS_residual_ADP_flag               ? 
_refine.correlation_coeff_Fo_to_Fc               ? 
_refine.correlation_coeff_Fo_to_Fc_free          ? 
_refine.pdbx_solvent_vdw_probe_radii             ? 
_refine.pdbx_solvent_ion_probe_radii             ? 
_refine.pdbx_solvent_shrinkage_radii             ? 
_refine.pdbx_overall_phase_error                 ? 
_refine.overall_SU_R_Cruickshank_DPI             ? 
_refine.pdbx_overall_SU_R_free_Cruickshank_DPI   ? 
_refine.pdbx_overall_SU_R_Blow_DPI               ? 
_refine.pdbx_overall_SU_R_free_Blow_DPI          ? 
# 
_refine_hist.pdbx_refine_id                   'X-RAY DIFFRACTION' 
_refine_hist.cycle_id                         LAST 
_refine_hist.pdbx_number_atoms_protein        0 
_refine_hist.pdbx_number_atoms_nucleic_acid   120 
_refine_hist.pdbx_number_atoms_ligand         48 
_refine_hist.number_atoms_solvent             68 
_refine_hist.number_atoms_total               236 
_refine_hist.d_res_high                       1.500 
_refine_hist.d_res_low                        . 
# 
loop_
_refine_ls_restr.type 
_refine_ls_restr.dev_ideal 
_refine_ls_restr.dev_ideal_target 
_refine_ls_restr.weight 
_refine_ls_restr.number 
_refine_ls_restr.pdbx_refine_id 
_refine_ls_restr.pdbx_restraint_function 
n_bond_d               0.025 ? ? ? 'X-RAY DIFFRACTION' ? 
n_angle_d              0.164 ? ? ? 'X-RAY DIFFRACTION' ? 
n_planar_d             ?     ? ? ? 'X-RAY DIFFRACTION' ? 
n_hb_or_metal_coord    ?     ? ? ? 'X-RAY DIFFRACTION' ? 
n_sugar_bond_it        ?     ? ? ? 'X-RAY DIFFRACTION' ? 
n_sugar_angle_it       ?     ? ? ? 'X-RAY DIFFRACTION' ? 
n_phos_bond_it         ?     ? ? ? 'X-RAY DIFFRACTION' ? 
n_phos_angle_it        ?     ? ? ? 'X-RAY DIFFRACTION' ? 
n_bond_angle_restr     ?     ? ? ? 'X-RAY DIFFRACTION' ? 
n_dihedral_angle_restr ?     ? ? ? 'X-RAY DIFFRACTION' ? 
n_impr_tor             ?     ? ? ? 'X-RAY DIFFRACTION' ? 
n_sugar_bond_d         ?     ? ? ? 'X-RAY DIFFRACTION' ? 
n_sugar_bond_angle_d   ?     ? ? ? 'X-RAY DIFFRACTION' ? 
n_phos_bond_d          ?     ? ? ? 'X-RAY DIFFRACTION' ? 
n_phos_bond_angle_d    ?     ? ? ? 'X-RAY DIFFRACTION' ? 
n_plane_restr          ?     ? ? ? 'X-RAY DIFFRACTION' ? 
n_chiral_restr         ?     ? ? ? 'X-RAY DIFFRACTION' ? 
n_singtor_nbd          ?     ? ? ? 'X-RAY DIFFRACTION' ? 
n_multtor_nbd          ?     ? ? ? 'X-RAY DIFFRACTION' ? 
n_xhyhbond_nbd         ?     ? ? ? 'X-RAY DIFFRACTION' ? 
# 
_struct.entry_id                  1D36 
_struct.title                     
;FACILE FORMATION OF A CROSSLINKED ADDUCT BETWEEN DNA AND THE DAUNORUBICIN DERIVATIVE MAR70 MEDIATED BY FORMALDEHYDE: MOLECULAR STRUCTURE OF THE MAR70-D(CGTNACG) COVALENT ADDUC
;
_struct.pdbx_model_details        ? 
_struct.pdbx_CASP_flag            ? 
_struct.pdbx_model_type_details   ? 
# 
_struct_keywords.entry_id        1D36 
_struct_keywords.pdbx_keywords   DNA 
_struct_keywords.text            'RIGHT HANDED DNA, DOUBLE HELIX, COMPLEXED WITH DRUG, DNA' 
# 
loop_
_struct_asym.id 
_struct_asym.pdbx_blank_PDB_chainid_flag 
_struct_asym.pdbx_modified 
_struct_asym.entity_id 
_struct_asym.details 
A N N 1 ? 
B N N 2 ? 
C N N 3 ? 
D N N 4 ? 
# 
_struct_ref.id                         1 
_struct_ref.entity_id                  1 
_struct_ref.db_name                    PDB 
_struct_ref.db_code                    1D36 
_struct_ref.pdbx_db_accession          1D36 
_struct_ref.pdbx_db_isoform            ? 
_struct_ref.pdbx_seq_one_letter_code   ? 
_struct_ref.pdbx_align_begin           ? 
# 
_struct_ref_seq.align_id                      1 
_struct_ref_seq.ref_id                        1 
_struct_ref_seq.pdbx_PDB_id_code              1D36 
_struct_ref_seq.pdbx_strand_id                A 
_struct_ref_seq.seq_align_beg                 1 
_struct_ref_seq.pdbx_seq_align_beg_ins_code   ? 
_struct_ref_seq.seq_align_end                 6 
_struct_ref_seq.pdbx_seq_align_end_ins_code   ? 
_struct_ref_seq.pdbx_db_accession             1D36 
_struct_ref_seq.db_align_beg                  1 
_struct_ref_seq.pdbx_db_align_beg_ins_code    ? 
_struct_ref_seq.db_align_end                  6 
_struct_ref_seq.pdbx_db_align_end_ins_code    ? 
_struct_ref_seq.pdbx_auth_seq_align_beg       1 
_struct_ref_seq.pdbx_auth_seq_align_end       6 
# 
_pdbx_struct_assembly.id                   1 
_pdbx_struct_assembly.details              author_defined_assembly 
_pdbx_struct_assembly.method_details       ? 
_pdbx_struct_assembly.oligomeric_details   dimeric 
_pdbx_struct_assembly.oligomeric_count     2 
# 
_pdbx_struct_assembly_gen.assembly_id       1 
_pdbx_struct_assembly_gen.oper_expression   1,2 
_pdbx_struct_assembly_gen.asym_id_list      A,B,C,D 
# 
loop_
_pdbx_struct_oper_list.id 
_pdbx_struct_oper_list.type 
_pdbx_struct_oper_list.name 
_pdbx_struct_oper_list.symmetry_operation 
_pdbx_struct_oper_list.matrix[1][1] 
_pdbx_struct_oper_list.matrix[1][2] 
_pdbx_struct_oper_list.matrix[1][3] 
_pdbx_struct_oper_list.vector[1] 
_pdbx_struct_oper_list.matrix[2][1] 
_pdbx_struct_oper_list.matrix[2][2] 
_pdbx_struct_oper_list.matrix[2][3] 
_pdbx_struct_oper_list.vector[2] 
_pdbx_struct_oper_list.matrix[3][1] 
_pdbx_struct_oper_list.matrix[3][2] 
_pdbx_struct_oper_list.matrix[3][3] 
_pdbx_struct_oper_list.vector[3] 
1 'identity operation'         1_555 x,y,z            1.0000000000 0.0000000000 0.0000000000  0.0000000000  0.0000000000 1.0000000000  0.0000000000  0.0000000000 0.0000000000  0.0000000000  1.0000000000  0.0000000000 
2 'crystal symmetry operation' 8_665 -y+1,-x+1,-z+1/2 0.1806767286 0.7232569812 -0.6665247625 -3.2572440273 0.7232569812 -0.5569484448 -0.4082986273 6.2757019471 -0.6665247625 -0.4082986273 -0.6237282838 1.0400109068 
# 
_struct_biol.id   1 
# 
loop_
_struct_conn.id 
_struct_conn.conn_type_id 
_struct_conn.pdbx_leaving_atom_flag 
_struct_conn.pdbx_PDB_id 
_struct_conn.ptnr1_label_asym_id 
_struct_conn.ptnr1_label_comp_id 
_struct_conn.ptnr1_label_seq_id 
_struct_conn.ptnr1_label_atom_id 
_struct_conn.pdbx_ptnr1_label_alt_id 
_struct_conn.pdbx_ptnr1_PDB_ins_code 
_struct_conn.pdbx_ptnr1_standard_comp_id 
_struct_conn.ptnr1_symmetry 
_struct_conn.ptnr2_label_asym_id 
_struct_conn.ptnr2_label_comp_id 
_struct_conn.ptnr2_label_seq_id 
_struct_conn.ptnr2_label_atom_id 
_struct_conn.pdbx_ptnr2_label_alt_id 
_struct_conn.pdbx_ptnr2_PDB_ins_code 
_struct_conn.ptnr1_auth_asym_id 
_struct_conn.ptnr1_auth_comp_id 
_struct_conn.ptnr1_auth_seq_id 
_struct_conn.ptnr2_auth_asym_id 
_struct_conn.ptnr2_auth_comp_id 
_struct_conn.ptnr2_auth_seq_id 
_struct_conn.ptnr2_symmetry 
_struct_conn.pdbx_ptnr3_label_atom_id 
_struct_conn.pdbx_ptnr3_label_seq_id 
_struct_conn.pdbx_ptnr3_label_comp_id 
_struct_conn.pdbx_ptnr3_label_asym_id 
_struct_conn.pdbx_ptnr3_label_alt_id 
_struct_conn.pdbx_ptnr3_PDB_ins_code 
_struct_conn.details 
_struct_conn.pdbx_dist_value 
_struct_conn.pdbx_value_order 
_struct_conn.pdbx_role 
metalc1  metalc ? ? A DG  6 N7 ? ? ? 1_555 C MG  . MG ? ? A DG  6 A MG  8  1_555 ? ? ? ? ? ? ?            2.764 ? ? 
metalc2  metalc ? ? B MAR . O6 ? ? ? 1_555 C MG  . MG ? ? A MAR 7 A MG  8  1_555 ? ? ? ? ? ? ?            3.090 ? ? 
metalc3  metalc ? ? B MAR . O4 ? ? ? 1_555 C MG  . MG ? ? A MAR 7 A MG  8  1_555 ? ? ? ? ? ? ?            2.976 ? ? 
metalc4  metalc ? ? C MG  . MG ? ? ? 1_555 D HOH . O  ? ? A MG  8 A HOH 9  1_555 ? ? ? ? ? ? ?            3.072 ? ? 
metalc5  metalc ? ? C MG  . MG ? ? ? 1_555 D HOH . O  ? ? A MG  8 A HOH 10 1_555 ? ? ? ? ? ? ?            2.961 ? ? 
metalc6  metalc ? ? C MG  . MG ? ? ? 1_555 D HOH . O  ? ? A MG  8 A HOH 11 1_555 ? ? ? ? ? ? ?            2.852 ? ? 
hydrog1  hydrog ? ? A DC  1 N3 ? ? ? 1_555 A DG  6 N1 ? ? A DC  1 A DG  6  8_665 ? ? ? ? ? ? WATSON-CRICK ?     ? ? 
hydrog2  hydrog ? ? A DC  1 N4 ? ? ? 1_555 A DG  6 O6 ? ? A DC  1 A DG  6  8_665 ? ? ? ? ? ? WATSON-CRICK ?     ? ? 
hydrog3  hydrog ? ? A DC  1 O2 ? ? ? 1_555 A DG  6 N2 ? ? A DC  1 A DG  6  8_665 ? ? ? ? ? ? WATSON-CRICK ?     ? ? 
hydrog4  hydrog ? ? A DG  2 N1 ? ? ? 1_555 A DC  5 N3 ? ? A DG  2 A DC  5  8_665 ? ? ? ? ? ? WATSON-CRICK ?     ? ? 
hydrog5  hydrog ? ? A DG  2 N2 ? ? ? 1_555 A DC  5 O2 ? ? A DG  2 A DC  5  8_665 ? ? ? ? ? ? WATSON-CRICK ?     ? ? 
hydrog6  hydrog ? ? A DG  2 O6 ? ? ? 1_555 A DC  5 N4 ? ? A DG  2 A DC  5  8_665 ? ? ? ? ? ? WATSON-CRICK ?     ? ? 
hydrog7  hydrog ? ? A DT  3 N3 ? ? ? 1_555 A DA  4 N1 ? ? A DT  3 A DA  4  8_665 ? ? ? ? ? ? WATSON-CRICK ?     ? ? 
hydrog8  hydrog ? ? A DT  3 O4 ? ? ? 1_555 A DA  4 N6 ? ? A DT  3 A DA  4  8_665 ? ? ? ? ? ? WATSON-CRICK ?     ? ? 
hydrog9  hydrog ? ? A DA  4 N1 ? ? ? 1_555 A DT  3 N3 ? ? A DA  4 A DT  3  8_665 ? ? ? ? ? ? WATSON-CRICK ?     ? ? 
hydrog10 hydrog ? ? A DA  4 N6 ? ? ? 1_555 A DT  3 O4 ? ? A DA  4 A DT  3  8_665 ? ? ? ? ? ? WATSON-CRICK ?     ? ? 
hydrog11 hydrog ? ? A DC  5 N3 ? ? ? 1_555 A DG  2 N1 ? ? A DC  5 A DG  2  8_665 ? ? ? ? ? ? WATSON-CRICK ?     ? ? 
hydrog12 hydrog ? ? A DC  5 N4 ? ? ? 1_555 A DG  2 O6 ? ? A DC  5 A DG  2  8_665 ? ? ? ? ? ? WATSON-CRICK ?     ? ? 
hydrog13 hydrog ? ? A DC  5 O2 ? ? ? 1_555 A DG  2 N2 ? ? A DC  5 A DG  2  8_665 ? ? ? ? ? ? WATSON-CRICK ?     ? ? 
hydrog14 hydrog ? ? A DG  6 N1 ? ? ? 1_555 A DC  1 N3 ? ? A DG  6 A DC  1  8_665 ? ? ? ? ? ? WATSON-CRICK ?     ? ? 
hydrog15 hydrog ? ? A DG  6 N2 ? ? ? 1_555 A DC  1 O2 ? ? A DG  6 A DC  1  8_665 ? ? ? ? ? ? WATSON-CRICK ?     ? ? 
hydrog16 hydrog ? ? A DG  6 O6 ? ? ? 1_555 A DC  1 N4 ? ? A DG  6 A DC  1  8_665 ? ? ? ? ? ? WATSON-CRICK ?     ? ? 
# 
loop_
_struct_conn_type.id 
_struct_conn_type.criteria 
_struct_conn_type.reference 
metalc ? ? 
hydrog ? ? 
# 
loop_
_pdbx_struct_conn_angle.id 
_pdbx_struct_conn_angle.ptnr1_label_atom_id 
_pdbx_struct_conn_angle.ptnr1_label_alt_id 
_pdbx_struct_conn_angle.ptnr1_label_asym_id 
_pdbx_struct_conn_angle.ptnr1_label_comp_id 
_pdbx_struct_conn_angle.ptnr1_label_seq_id 
_pdbx_struct_conn_angle.ptnr1_auth_atom_id 
_pdbx_struct_conn_angle.ptnr1_auth_asym_id 
_pdbx_struct_conn_angle.ptnr1_auth_comp_id 
_pdbx_struct_conn_angle.ptnr1_auth_seq_id 
_pdbx_struct_conn_angle.ptnr1_PDB_ins_code 
_pdbx_struct_conn_angle.ptnr1_symmetry 
_pdbx_struct_conn_angle.ptnr2_label_atom_id 
_pdbx_struct_conn_angle.ptnr2_label_alt_id 
_pdbx_struct_conn_angle.ptnr2_label_asym_id 
_pdbx_struct_conn_angle.ptnr2_label_comp_id 
_pdbx_struct_conn_angle.ptnr2_label_seq_id 
_pdbx_struct_conn_angle.ptnr2_auth_atom_id 
_pdbx_struct_conn_angle.ptnr2_auth_asym_id 
_pdbx_struct_conn_angle.ptnr2_auth_comp_id 
_pdbx_struct_conn_angle.ptnr2_auth_seq_id 
_pdbx_struct_conn_angle.ptnr2_PDB_ins_code 
_pdbx_struct_conn_angle.ptnr2_symmetry 
_pdbx_struct_conn_angle.ptnr3_label_atom_id 
_pdbx_struct_conn_angle.ptnr3_label_alt_id 
_pdbx_struct_conn_angle.ptnr3_label_asym_id 
_pdbx_struct_conn_angle.ptnr3_label_comp_id 
_pdbx_struct_conn_angle.ptnr3_label_seq_id 
_pdbx_struct_conn_angle.ptnr3_auth_atom_id 
_pdbx_struct_conn_angle.ptnr3_auth_asym_id 
_pdbx_struct_conn_angle.ptnr3_auth_comp_id 
_pdbx_struct_conn_angle.ptnr3_auth_seq_id 
_pdbx_struct_conn_angle.ptnr3_PDB_ins_code 
_pdbx_struct_conn_angle.ptnr3_symmetry 
_pdbx_struct_conn_angle.value 
_pdbx_struct_conn_angle.value_esd 
1  N7 ? A DG  6 ? A DG  6  ? 1_555 MG ? C MG . ? A MG 8 ? 1_555 O6 ? B MAR . ? A MAR 7  ? 1_555 74.0  ? 
2  N7 ? A DG  6 ? A DG  6  ? 1_555 MG ? C MG . ? A MG 8 ? 1_555 O4 ? B MAR . ? A MAR 7  ? 1_555 123.2 ? 
3  O6 ? B MAR . ? A MAR 7  ? 1_555 MG ? C MG . ? A MG 8 ? 1_555 O4 ? B MAR . ? A MAR 7  ? 1_555 50.5  ? 
4  N7 ? A DG  6 ? A DG  6  ? 1_555 MG ? C MG . ? A MG 8 ? 1_555 O  ? D HOH . ? A HOH 9  ? 1_555 95.1  ? 
5  O6 ? B MAR . ? A MAR 7  ? 1_555 MG ? C MG . ? A MG 8 ? 1_555 O  ? D HOH . ? A HOH 9  ? 1_555 95.6  ? 
6  O4 ? B MAR . ? A MAR 7  ? 1_555 MG ? C MG . ? A MG 8 ? 1_555 O  ? D HOH . ? A HOH 9  ? 1_555 81.0  ? 
7  N7 ? A DG  6 ? A DG  6  ? 1_555 MG ? C MG . ? A MG 8 ? 1_555 O  ? D HOH . ? A HOH 10 ? 1_555 100.6 ? 
8  O6 ? B MAR . ? A MAR 7  ? 1_555 MG ? C MG . ? A MG 8 ? 1_555 O  ? D HOH . ? A HOH 10 ? 1_555 109.8 ? 
9  O4 ? B MAR . ? A MAR 7  ? 1_555 MG ? C MG . ? A MG 8 ? 1_555 O  ? D HOH . ? A HOH 10 ? 1_555 107.8 ? 
10 O  ? D HOH . ? A HOH 9  ? 1_555 MG ? C MG . ? A MG 8 ? 1_555 O  ? D HOH . ? A HOH 10 ? 1_555 152.9 ? 
11 N7 ? A DG  6 ? A DG  6  ? 1_555 MG ? C MG . ? A MG 8 ? 1_555 O  ? D HOH . ? A HOH 11 ? 1_555 125.8 ? 
12 O6 ? B MAR . ? A MAR 7  ? 1_555 MG ? C MG . ? A MG 8 ? 1_555 O  ? D HOH . ? A HOH 11 ? 1_555 155.0 ? 
13 O4 ? B MAR . ? A MAR 7  ? 1_555 MG ? C MG . ? A MG 8 ? 1_555 O  ? D HOH . ? A HOH 11 ? 1_555 105.9 ? 
14 O  ? D HOH . ? A HOH 9  ? 1_555 MG ? C MG . ? A MG 8 ? 1_555 O  ? D HOH . ? A HOH 11 ? 1_555 69.7  ? 
15 O  ? D HOH . ? A HOH 10 ? 1_555 MG ? C MG . ? A MG 8 ? 1_555 O  ? D HOH . ? A HOH 11 ? 1_555 83.2  ? 
# 
loop_
_struct_site.id 
_struct_site.pdbx_evidence_code 
_struct_site.pdbx_auth_asym_id 
_struct_site.pdbx_auth_comp_id 
_struct_site.pdbx_auth_seq_id 
_struct_site.pdbx_auth_ins_code 
_struct_site.pdbx_num_residues 
_struct_site.details 
AC1 Software A MAR 7 ? 13 'BINDING SITE FOR RESIDUE MAR A 7' 
AC2 Software A MG  8 ? 5  'BINDING SITE FOR RESIDUE MG A 8'  
1   ?        ? ?   ? ? ?  ?                                  
# 
loop_
_struct_site_gen.id 
_struct_site_gen.site_id 
_struct_site_gen.pdbx_num_res 
_struct_site_gen.label_comp_id 
_struct_site_gen.label_asym_id 
_struct_site_gen.label_seq_id 
_struct_site_gen.pdbx_auth_ins_code 
_struct_site_gen.auth_comp_id 
_struct_site_gen.auth_asym_id 
_struct_site_gen.auth_seq_id 
_struct_site_gen.label_atom_id 
_struct_site_gen.label_alt_id 
_struct_site_gen.symmetry 
_struct_site_gen.details 
1  AC1 13 DC  A 1 ? DC  A 1  . ? 8_665 ? 
2  AC1 13 DG  A 2 ? DG  A 2  . ? 8_665 ? 
3  AC1 13 DT  A 3 ? DT  A 3  . ? 8_665 ? 
4  AC1 13 DA  A 4 ? DA  A 4  . ? 1_555 ? 
5  AC1 13 DA  A 4 ? DA  A 4  . ? 8_665 ? 
6  AC1 13 DC  A 5 ? DC  A 5  . ? 1_555 ? 
7  AC1 13 DG  A 6 ? DG  A 6  . ? 1_555 ? 
8  AC1 13 MG  C . ? MG  A 8  . ? 1_555 ? 
9  AC1 13 HOH D . ? HOH A 17 . ? 1_555 ? 
10 AC1 13 HOH D . ? HOH A 30 . ? 1_555 ? 
11 AC1 13 HOH D . ? HOH A 41 . ? 1_555 ? 
12 AC1 13 HOH D . ? HOH A 62 . ? 1_555 ? 
13 AC1 13 HOH D . ? HOH A 71 . ? 1_555 ? 
14 AC2 5  DG  A 6 ? DG  A 6  . ? 1_555 ? 
15 AC2 5  MAR B . ? MAR A 7  . ? 1_555 ? 
16 AC2 5  HOH D . ? HOH A 9  . ? 1_555 ? 
17 AC2 5  HOH D . ? HOH A 10 . ? 1_555 ? 
18 AC2 5  HOH D . ? HOH A 11 . ? 1_555 ? 
# 
loop_
_pdbx_validate_close_contact.id 
_pdbx_validate_close_contact.PDB_model_num 
_pdbx_validate_close_contact.auth_atom_id_1 
_pdbx_validate_close_contact.auth_asym_id_1 
_pdbx_validate_close_contact.auth_comp_id_1 
_pdbx_validate_close_contact.auth_seq_id_1 
_pdbx_validate_close_contact.PDB_ins_code_1 
_pdbx_validate_close_contact.label_alt_id_1 
_pdbx_validate_close_contact.auth_atom_id_2 
_pdbx_validate_close_contact.auth_asym_id_2 
_pdbx_validate_close_contact.auth_comp_id_2 
_pdbx_validate_close_contact.auth_seq_id_2 
_pdbx_validate_close_contact.PDB_ins_code_2 
_pdbx_validate_close_contact.label_alt_id_2 
_pdbx_validate_close_contact.dist 
1 1 OP2 A DC  5  ? ? O A HOH 38 ? ? 1.91 
2 1 O   A HOH 15 ? ? O A HOH 38 ? ? 1.91 
# 
loop_
_pdbx_validate_rmsd_bond.id 
_pdbx_validate_rmsd_bond.PDB_model_num 
_pdbx_validate_rmsd_bond.auth_atom_id_1 
_pdbx_validate_rmsd_bond.auth_asym_id_1 
_pdbx_validate_rmsd_bond.auth_comp_id_1 
_pdbx_validate_rmsd_bond.auth_seq_id_1 
_pdbx_validate_rmsd_bond.PDB_ins_code_1 
_pdbx_validate_rmsd_bond.label_alt_id_1 
_pdbx_validate_rmsd_bond.auth_atom_id_2 
_pdbx_validate_rmsd_bond.auth_asym_id_2 
_pdbx_validate_rmsd_bond.auth_comp_id_2 
_pdbx_validate_rmsd_bond.auth_seq_id_2 
_pdbx_validate_rmsd_bond.PDB_ins_code_2 
_pdbx_validate_rmsd_bond.label_alt_id_2 
_pdbx_validate_rmsd_bond.bond_value 
_pdbx_validate_rmsd_bond.bond_target_value 
_pdbx_validate_rmsd_bond.bond_deviation 
_pdbx_validate_rmsd_bond.bond_standard_deviation 
_pdbx_validate_rmsd_bond.linker_flag 
1  1 P     A DG 2 ? ? "O5'" A DG 2 ? ? 1.701 1.593 0.108  0.010 N 
2  1 C6    A DG 2 ? ? N1    A DG 2 ? ? 1.349 1.391 -0.042 0.007 N 
3  1 "O4'" A DT 3 ? ? "C4'" A DT 3 ? ? 1.385 1.446 -0.061 0.010 N 
4  1 "C3'" A DA 4 ? ? "C2'" A DA 4 ? ? 1.463 1.516 -0.053 0.008 N 
5  1 "O4'" A DA 4 ? ? "C4'" A DA 4 ? ? 1.378 1.446 -0.068 0.010 N 
6  1 C2    A DA 4 ? ? N3    A DA 4 ? ? 1.389 1.331 0.058  0.009 N 
7  1 N7    A DA 4 ? ? C8    A DA 4 ? ? 1.256 1.311 -0.055 0.007 N 
8  1 P     A DC 5 ? ? "O5'" A DC 5 ? ? 1.670 1.593 0.077  0.010 N 
9  1 P     A DG 6 ? ? "O5'" A DG 6 ? ? 1.690 1.593 0.097  0.010 N 
10 1 "O4'" A DG 6 ? ? "C1'" A DG 6 ? ? 1.494 1.420 0.074  0.011 N 
11 1 C6    A DG 6 ? ? N1    A DG 6 ? ? 1.333 1.391 -0.058 0.007 N 
12 1 C8    A DG 6 ? ? N9    A DG 6 ? ? 1.318 1.374 -0.056 0.007 N 
# 
loop_
_pdbx_validate_rmsd_angle.id 
_pdbx_validate_rmsd_angle.PDB_model_num 
_pdbx_validate_rmsd_angle.auth_atom_id_1 
_pdbx_validate_rmsd_angle.auth_asym_id_1 
_pdbx_validate_rmsd_angle.auth_comp_id_1 
_pdbx_validate_rmsd_angle.auth_seq_id_1 
_pdbx_validate_rmsd_angle.PDB_ins_code_1 
_pdbx_validate_rmsd_angle.label_alt_id_1 
_pdbx_validate_rmsd_angle.auth_atom_id_2 
_pdbx_validate_rmsd_angle.auth_asym_id_2 
_pdbx_validate_rmsd_angle.auth_comp_id_2 
_pdbx_validate_rmsd_angle.auth_seq_id_2 
_pdbx_validate_rmsd_angle.PDB_ins_code_2 
_pdbx_validate_rmsd_angle.label_alt_id_2 
_pdbx_validate_rmsd_angle.auth_atom_id_3 
_pdbx_validate_rmsd_angle.auth_asym_id_3 
_pdbx_validate_rmsd_angle.auth_comp_id_3 
_pdbx_validate_rmsd_angle.auth_seq_id_3 
_pdbx_validate_rmsd_angle.PDB_ins_code_3 
_pdbx_validate_rmsd_angle.label_alt_id_3 
_pdbx_validate_rmsd_angle.angle_value 
_pdbx_validate_rmsd_angle.angle_target_value 
_pdbx_validate_rmsd_angle.angle_deviation 
_pdbx_validate_rmsd_angle.angle_standard_deviation 
_pdbx_validate_rmsd_angle.linker_flag 
1  1 "O4'" A DC 1 ? ? "C1'" A DC 1 ? ? N1    A DC 1 ? ? 111.26 108.30 2.96   0.30 N 
2  1 C6    A DC 1 ? ? N1    A DC 1 ? ? C2    A DC 1 ? ? 117.38 120.30 -2.92  0.40 N 
3  1 N3    A DC 1 ? ? C4    A DC 1 ? ? C5    A DC 1 ? ? 117.25 121.90 -4.65  0.40 N 
4  1 N3    A DC 1 ? ? C4    A DC 1 ? ? N4    A DC 1 ? ? 122.82 118.00 4.82   0.70 N 
5  1 "C3'" A DC 1 ? ? "O3'" A DC 1 ? ? P     A DG 2 ? ? 139.40 119.70 19.70  1.20 Y 
6  1 "O3'" A DC 1 ? ? P     A DG 2 ? ? "O5'" A DG 2 ? ? 90.97  104.00 -13.03 1.90 Y 
7  1 "C3'" A DG 2 ? ? "C2'" A DG 2 ? ? "C1'" A DG 2 ? ? 97.47  102.40 -4.93  0.80 N 
8  1 "O4'" A DG 2 ? ? "C1'" A DG 2 ? ? N9    A DG 2 ? ? 118.45 108.30 10.15  0.30 N 
9  1 "C3'" A DG 2 ? ? "O3'" A DG 2 ? ? P     A DT 3 ? ? 127.13 119.70 7.43   1.20 Y 
10 1 N1    A DT 3 ? ? C2    A DT 3 ? ? N3    A DT 3 ? ? 120.13 114.60 5.53   0.60 N 
11 1 C2    A DT 3 ? ? N3    A DT 3 ? ? C4    A DT 3 ? ? 120.66 127.20 -6.54  0.60 N 
12 1 N3    A DT 3 ? ? C4    A DT 3 ? ? C5    A DT 3 ? ? 119.49 115.20 4.29   0.60 N 
13 1 N1    A DT 3 ? ? C2    A DT 3 ? ? O2    A DT 3 ? ? 117.93 123.10 -5.17  0.80 N 
14 1 N3    A DT 3 ? ? C4    A DT 3 ? ? O4    A DT 3 ? ? 113.62 119.90 -6.28  0.60 N 
15 1 OP1   A DA 4 ? ? P     A DA 4 ? ? OP2   A DA 4 ? ? 148.84 119.60 29.24  1.50 N 
16 1 "O5'" A DA 4 ? ? P     A DA 4 ? ? OP2   A DA 4 ? ? 95.15  105.70 -10.55 0.90 N 
17 1 "C5'" A DA 4 ? ? "C4'" A DA 4 ? ? "O4'" A DA 4 ? ? 117.59 109.80 7.79   1.10 N 
18 1 C6    A DA 4 ? ? N1    A DA 4 ? ? C2    A DA 4 ? ? 123.98 118.60 5.38   0.60 N 
19 1 C5    A DA 4 ? ? C6    A DA 4 ? ? N1    A DA 4 ? ? 114.04 117.70 -3.66  0.50 N 
20 1 "C3'" A DA 4 ? ? "O3'" A DA 4 ? ? P     A DC 5 ? ? 129.57 119.70 9.87   1.20 Y 
21 1 "O4'" A DC 5 ? ? "C1'" A DC 5 ? ? N1    A DC 5 ? ? 116.51 108.30 8.21   0.30 N 
22 1 "O3'" A DC 5 ? ? P     A DG 6 ? ? OP2   A DG 6 ? ? 90.96  105.20 -14.24 2.20 Y 
23 1 "O3'" A DC 5 ? ? P     A DG 6 ? ? OP1   A DG 6 ? ? 119.56 110.50 9.06   1.10 Y 
24 1 "O4'" A DG 6 ? ? "C1'" A DG 6 ? ? N9    A DG 6 ? ? 101.90 108.00 -6.10  0.70 N 
25 1 C5    A DG 6 ? ? C6    A DG 6 ? ? N1    A DG 6 ? ? 115.94 111.50 4.44   0.50 N 
26 1 C5    A DG 6 ? ? C6    A DG 6 ? ? O6    A DG 6 ? ? 121.97 128.60 -6.63  0.60 N 
# 
_struct_site_keywords.site_id   1 
_struct_site_keywords.text      INTERCALATION 
# 
loop_
_refine_B_iso.class 
_refine_B_iso.details 
_refine_B_iso.treatment 
_refine_B_iso.pdbx_refine_id 
'ALL ATOMS'  TR isotropic 'X-RAY DIFFRACTION' 
'ALL WATERS' TR isotropic 'X-RAY DIFFRACTION' 
# 
loop_
_refine_occupancy.class 
_refine_occupancy.treatment 
_refine_occupancy.pdbx_refine_id 
'ALL ATOMS'  fix 'X-RAY DIFFRACTION' 
'ALL WATERS' fix 'X-RAY DIFFRACTION' 
# 
loop_
_chem_comp_atom.comp_id 
_chem_comp_atom.atom_id 
_chem_comp_atom.type_symbol 
_chem_comp_atom.pdbx_aromatic_flag 
_chem_comp_atom.pdbx_stereo_config 
_chem_comp_atom.pdbx_ordinal 
DA  OP3    O  N N 1   
DA  P      P  N N 2   
DA  OP1    O  N N 3   
DA  OP2    O  N N 4   
DA  "O5'"  O  N N 5   
DA  "C5'"  C  N N 6   
DA  "C4'"  C  N R 7   
DA  "O4'"  O  N N 8   
DA  "C3'"  C  N S 9   
DA  "O3'"  O  N N 10  
DA  "C2'"  C  N N 11  
DA  "C1'"  C  N R 12  
DA  N9     N  Y N 13  
DA  C8     C  Y N 14  
DA  N7     N  Y N 15  
DA  C5     C  Y N 16  
DA  C6     C  Y N 17  
DA  N6     N  N N 18  
DA  N1     N  Y N 19  
DA  C2     C  Y N 20  
DA  N3     N  Y N 21  
DA  C4     C  Y N 22  
DA  HOP3   H  N N 23  
DA  HOP2   H  N N 24  
DA  "H5'"  H  N N 25  
DA  "H5''" H  N N 26  
DA  "H4'"  H  N N 27  
DA  "H3'"  H  N N 28  
DA  "HO3'" H  N N 29  
DA  "H2'"  H  N N 30  
DA  "H2''" H  N N 31  
DA  "H1'"  H  N N 32  
DA  H8     H  N N 33  
DA  H61    H  N N 34  
DA  H62    H  N N 35  
DA  H2     H  N N 36  
DC  OP3    O  N N 37  
DC  P      P  N N 38  
DC  OP1    O  N N 39  
DC  OP2    O  N N 40  
DC  "O5'"  O  N N 41  
DC  "C5'"  C  N N 42  
DC  "C4'"  C  N R 43  
DC  "O4'"  O  N N 44  
DC  "C3'"  C  N S 45  
DC  "O3'"  O  N N 46  
DC  "C2'"  C  N N 47  
DC  "C1'"  C  N R 48  
DC  N1     N  N N 49  
DC  C2     C  N N 50  
DC  O2     O  N N 51  
DC  N3     N  N N 52  
DC  C4     C  N N 53  
DC  N4     N  N N 54  
DC  C5     C  N N 55  
DC  C6     C  N N 56  
DC  HOP3   H  N N 57  
DC  HOP2   H  N N 58  
DC  "H5'"  H  N N 59  
DC  "H5''" H  N N 60  
DC  "H4'"  H  N N 61  
DC  "H3'"  H  N N 62  
DC  "HO3'" H  N N 63  
DC  "H2'"  H  N N 64  
DC  "H2''" H  N N 65  
DC  "H1'"  H  N N 66  
DC  H41    H  N N 67  
DC  H42    H  N N 68  
DC  H5     H  N N 69  
DC  H6     H  N N 70  
DG  OP3    O  N N 71  
DG  P      P  N N 72  
DG  OP1    O  N N 73  
DG  OP2    O  N N 74  
DG  "O5'"  O  N N 75  
DG  "C5'"  C  N N 76  
DG  "C4'"  C  N R 77  
DG  "O4'"  O  N N 78  
DG  "C3'"  C  N S 79  
DG  "O3'"  O  N N 80  
DG  "C2'"  C  N N 81  
DG  "C1'"  C  N R 82  
DG  N9     N  Y N 83  
DG  C8     C  Y N 84  
DG  N7     N  Y N 85  
DG  C5     C  Y N 86  
DG  C6     C  N N 87  
DG  O6     O  N N 88  
DG  N1     N  N N 89  
DG  C2     C  N N 90  
DG  N2     N  N N 91  
DG  N3     N  N N 92  
DG  C4     C  Y N 93  
DG  HOP3   H  N N 94  
DG  HOP2   H  N N 95  
DG  "H5'"  H  N N 96  
DG  "H5''" H  N N 97  
DG  "H4'"  H  N N 98  
DG  "H3'"  H  N N 99  
DG  "HO3'" H  N N 100 
DG  "H2'"  H  N N 101 
DG  "H2''" H  N N 102 
DG  "H1'"  H  N N 103 
DG  H8     H  N N 104 
DG  H1     H  N N 105 
DG  H21    H  N N 106 
DG  H22    H  N N 107 
DT  OP3    O  N N 108 
DT  P      P  N N 109 
DT  OP1    O  N N 110 
DT  OP2    O  N N 111 
DT  "O5'"  O  N N 112 
DT  "C5'"  C  N N 113 
DT  "C4'"  C  N R 114 
DT  "O4'"  O  N N 115 
DT  "C3'"  C  N S 116 
DT  "O3'"  O  N N 117 
DT  "C2'"  C  N N 118 
DT  "C1'"  C  N R 119 
DT  N1     N  N N 120 
DT  C2     C  N N 121 
DT  O2     O  N N 122 
DT  N3     N  N N 123 
DT  C4     C  N N 124 
DT  O4     O  N N 125 
DT  C5     C  N N 126 
DT  C7     C  N N 127 
DT  C6     C  N N 128 
DT  HOP3   H  N N 129 
DT  HOP2   H  N N 130 
DT  "H5'"  H  N N 131 
DT  "H5''" H  N N 132 
DT  "H4'"  H  N N 133 
DT  "H3'"  H  N N 134 
DT  "HO3'" H  N N 135 
DT  "H2'"  H  N N 136 
DT  "H2''" H  N N 137 
DT  "H1'"  H  N N 138 
DT  H3     H  N N 139 
DT  H71    H  N N 140 
DT  H72    H  N N 141 
DT  H73    H  N N 142 
DT  H6     H  N N 143 
HOH O      O  N N 144 
HOH H1     H  N N 145 
HOH H2     H  N N 146 
MAR C1     C  Y N 147 
MAR C2     C  Y N 148 
MAR C3     C  Y N 149 
MAR C4     C  Y N 150 
MAR O4     O  N N 151 
MAR C5     C  Y N 152 
MAR C6     C  N N 153 
MAR O6     O  N N 154 
MAR C7     C  Y N 155 
MAR C8     C  Y N 156 
MAR O8     O  N N 157 
MAR C9     C  Y N 158 
MAR C10    C  N S 159 
MAR O10    O  N N 160 
MAR C11    C  N N 161 
MAR C12    C  N S 162 
MAR O12    O  N N 163 
MAR C13    C  N N 164 
MAR O13    O  N N 165 
MAR C14    C  N N 166 
MAR C15    C  N N 167 
MAR C16    C  Y N 168 
MAR C17    C  Y N 169 
MAR O17    O  N N 170 
MAR C18    C  Y N 171 
MAR C19    C  N N 172 
MAR O19    O  N N 173 
MAR C20    C  Y N 174 
MAR C21    C  N N 175 
MAR "C1'"  C  N R 176 
MAR "C2'"  C  N N 177 
MAR "C3'"  C  N S 178 
MAR "N3'"  N  N N 179 
MAR "C4'"  C  N S 180 
MAR "O4'"  O  N N 181 
MAR "C5'"  C  N S 182 
MAR "O5'"  O  N N 183 
MAR "C6'"  C  N N 184 
MAR CB1    C  N S 185 
MAR CB2    C  N N 186 
MAR CB3    C  N S 187 
MAR OB3    O  N N 188 
MAR CB4    C  N R 189 
MAR OB4    O  N N 190 
MAR CB5    C  N S 191 
MAR OB5    O  N N 192 
MAR CB6    C  N N 193 
MAR H1     H  N N 194 
MAR H2     H  N N 195 
MAR H3     H  N N 196 
MAR HO8    H  N N 197 
MAR H10    H  N N 198 
MAR H111   H  N N 199 
MAR H112   H  N N 200 
MAR HO12   H  N N 201 
MAR H141   H  N N 202 
MAR H142   H  N N 203 
MAR H143   H  N N 204 
MAR H151   H  N N 205 
MAR H152   H  N N 206 
MAR HO17   H  N N 207 
MAR H211   H  N N 208 
MAR H212   H  N N 209 
MAR H213   H  N N 210 
MAR "H1'"  H  N N 211 
MAR "H2'1" H  N N 212 
MAR "H2'2" H  N N 213 
MAR "H3'"  H  N N 214 
MAR "HN'1" H  N N 215 
MAR "HN'2" H  N N 216 
MAR "H4'"  H  N N 217 
MAR "H5'"  H  N N 218 
MAR "H6'1" H  N N 219 
MAR "H6'2" H  N N 220 
MAR "H6'3" H  N N 221 
MAR HB1    H  N N 222 
MAR HB21   H  N N 223 
MAR HB22   H  N N 224 
MAR HB3    H  N N 225 
MAR HOB3   H  N N 226 
MAR HB4    H  N N 227 
MAR HOB4   H  N N 228 
MAR HB5    H  N N 229 
MAR HB61   H  N N 230 
MAR HB62   H  N N 231 
MAR HB63   H  N N 232 
MG  MG     MG N N 233 
# 
loop_
_chem_comp_bond.comp_id 
_chem_comp_bond.atom_id_1 
_chem_comp_bond.atom_id_2 
_chem_comp_bond.value_order 
_chem_comp_bond.pdbx_aromatic_flag 
_chem_comp_bond.pdbx_stereo_config 
_chem_comp_bond.pdbx_ordinal 
DA  OP3   P      sing N N 1   
DA  OP3   HOP3   sing N N 2   
DA  P     OP1    doub N N 3   
DA  P     OP2    sing N N 4   
DA  P     "O5'"  sing N N 5   
DA  OP2   HOP2   sing N N 6   
DA  "O5'" "C5'"  sing N N 7   
DA  "C5'" "C4'"  sing N N 8   
DA  "C5'" "H5'"  sing N N 9   
DA  "C5'" "H5''" sing N N 10  
DA  "C4'" "O4'"  sing N N 11  
DA  "C4'" "C3'"  sing N N 12  
DA  "C4'" "H4'"  sing N N 13  
DA  "O4'" "C1'"  sing N N 14  
DA  "C3'" "O3'"  sing N N 15  
DA  "C3'" "C2'"  sing N N 16  
DA  "C3'" "H3'"  sing N N 17  
DA  "O3'" "HO3'" sing N N 18  
DA  "C2'" "C1'"  sing N N 19  
DA  "C2'" "H2'"  sing N N 20  
DA  "C2'" "H2''" sing N N 21  
DA  "C1'" N9     sing N N 22  
DA  "C1'" "H1'"  sing N N 23  
DA  N9    C8     sing Y N 24  
DA  N9    C4     sing Y N 25  
DA  C8    N7     doub Y N 26  
DA  C8    H8     sing N N 27  
DA  N7    C5     sing Y N 28  
DA  C5    C6     sing Y N 29  
DA  C5    C4     doub Y N 30  
DA  C6    N6     sing N N 31  
DA  C6    N1     doub Y N 32  
DA  N6    H61    sing N N 33  
DA  N6    H62    sing N N 34  
DA  N1    C2     sing Y N 35  
DA  C2    N3     doub Y N 36  
DA  C2    H2     sing N N 37  
DA  N3    C4     sing Y N 38  
DC  OP3   P      sing N N 39  
DC  OP3   HOP3   sing N N 40  
DC  P     OP1    doub N N 41  
DC  P     OP2    sing N N 42  
DC  P     "O5'"  sing N N 43  
DC  OP2   HOP2   sing N N 44  
DC  "O5'" "C5'"  sing N N 45  
DC  "C5'" "C4'"  sing N N 46  
DC  "C5'" "H5'"  sing N N 47  
DC  "C5'" "H5''" sing N N 48  
DC  "C4'" "O4'"  sing N N 49  
DC  "C4'" "C3'"  sing N N 50  
DC  "C4'" "H4'"  sing N N 51  
DC  "O4'" "C1'"  sing N N 52  
DC  "C3'" "O3'"  sing N N 53  
DC  "C3'" "C2'"  sing N N 54  
DC  "C3'" "H3'"  sing N N 55  
DC  "O3'" "HO3'" sing N N 56  
DC  "C2'" "C1'"  sing N N 57  
DC  "C2'" "H2'"  sing N N 58  
DC  "C2'" "H2''" sing N N 59  
DC  "C1'" N1     sing N N 60  
DC  "C1'" "H1'"  sing N N 61  
DC  N1    C2     sing N N 62  
DC  N1    C6     sing N N 63  
DC  C2    O2     doub N N 64  
DC  C2    N3     sing N N 65  
DC  N3    C4     doub N N 66  
DC  C4    N4     sing N N 67  
DC  C4    C5     sing N N 68  
DC  N4    H41    sing N N 69  
DC  N4    H42    sing N N 70  
DC  C5    C6     doub N N 71  
DC  C5    H5     sing N N 72  
DC  C6    H6     sing N N 73  
DG  OP3   P      sing N N 74  
DG  OP3   HOP3   sing N N 75  
DG  P     OP1    doub N N 76  
DG  P     OP2    sing N N 77  
DG  P     "O5'"  sing N N 78  
DG  OP2   HOP2   sing N N 79  
DG  "O5'" "C5'"  sing N N 80  
DG  "C5'" "C4'"  sing N N 81  
DG  "C5'" "H5'"  sing N N 82  
DG  "C5'" "H5''" sing N N 83  
DG  "C4'" "O4'"  sing N N 84  
DG  "C4'" "C3'"  sing N N 85  
DG  "C4'" "H4'"  sing N N 86  
DG  "O4'" "C1'"  sing N N 87  
DG  "C3'" "O3'"  sing N N 88  
DG  "C3'" "C2'"  sing N N 89  
DG  "C3'" "H3'"  sing N N 90  
DG  "O3'" "HO3'" sing N N 91  
DG  "C2'" "C1'"  sing N N 92  
DG  "C2'" "H2'"  sing N N 93  
DG  "C2'" "H2''" sing N N 94  
DG  "C1'" N9     sing N N 95  
DG  "C1'" "H1'"  sing N N 96  
DG  N9    C8     sing Y N 97  
DG  N9    C4     sing Y N 98  
DG  C8    N7     doub Y N 99  
DG  C8    H8     sing N N 100 
DG  N7    C5     sing Y N 101 
DG  C5    C6     sing N N 102 
DG  C5    C4     doub Y N 103 
DG  C6    O6     doub N N 104 
DG  C6    N1     sing N N 105 
DG  N1    C2     sing N N 106 
DG  N1    H1     sing N N 107 
DG  C2    N2     sing N N 108 
DG  C2    N3     doub N N 109 
DG  N2    H21    sing N N 110 
DG  N2    H22    sing N N 111 
DG  N3    C4     sing N N 112 
DT  OP3   P      sing N N 113 
DT  OP3   HOP3   sing N N 114 
DT  P     OP1    doub N N 115 
DT  P     OP2    sing N N 116 
DT  P     "O5'"  sing N N 117 
DT  OP2   HOP2   sing N N 118 
DT  "O5'" "C5'"  sing N N 119 
DT  "C5'" "C4'"  sing N N 120 
DT  "C5'" "H5'"  sing N N 121 
DT  "C5'" "H5''" sing N N 122 
DT  "C4'" "O4'"  sing N N 123 
DT  "C4'" "C3'"  sing N N 124 
DT  "C4'" "H4'"  sing N N 125 
DT  "O4'" "C1'"  sing N N 126 
DT  "C3'" "O3'"  sing N N 127 
DT  "C3'" "C2'"  sing N N 128 
DT  "C3'" "H3'"  sing N N 129 
DT  "O3'" "HO3'" sing N N 130 
DT  "C2'" "C1'"  sing N N 131 
DT  "C2'" "H2'"  sing N N 132 
DT  "C2'" "H2''" sing N N 133 
DT  "C1'" N1     sing N N 134 
DT  "C1'" "H1'"  sing N N 135 
DT  N1    C2     sing N N 136 
DT  N1    C6     sing N N 137 
DT  C2    O2     doub N N 138 
DT  C2    N3     sing N N 139 
DT  N3    C4     sing N N 140 
DT  N3    H3     sing N N 141 
DT  C4    O4     doub N N 142 
DT  C4    C5     sing N N 143 
DT  C5    C7     sing N N 144 
DT  C5    C6     doub N N 145 
DT  C7    H71    sing N N 146 
DT  C7    H72    sing N N 147 
DT  C7    H73    sing N N 148 
DT  C6    H6     sing N N 149 
HOH O     H1     sing N N 150 
HOH O     H2     sing N N 151 
MAR C1    C2     doub Y N 152 
MAR C1    C20    sing Y N 153 
MAR C1    H1     sing N N 154 
MAR C2    C3     sing Y N 155 
MAR C2    H2     sing N N 156 
MAR C3    C4     doub Y N 157 
MAR C3    H3     sing N N 158 
MAR C4    O4     sing N N 159 
MAR C4    C5     sing Y N 160 
MAR O4    C21    sing N N 161 
MAR C5    C6     sing N N 162 
MAR C5    C20    doub Y N 163 
MAR C6    O6     doub N N 164 
MAR C6    C7     sing N N 165 
MAR C7    C8     doub Y N 166 
MAR C7    C18    sing Y N 167 
MAR C8    O8     sing N N 168 
MAR C8    C9     sing Y N 169 
MAR O8    HO8    sing N N 170 
MAR C9    C10    sing N N 171 
MAR C9    C16    doub Y N 172 
MAR C10   O10    sing N N 173 
MAR C10   C11    sing N N 174 
MAR C10   H10    sing N N 175 
MAR O10   "C1'"  sing N N 176 
MAR C11   C12    sing N N 177 
MAR C11   H111   sing N N 178 
MAR C11   H112   sing N N 179 
MAR C12   O12    sing N N 180 
MAR C12   C13    sing N N 181 
MAR C12   C15    sing N N 182 
MAR O12   HO12   sing N N 183 
MAR C13   O13    doub N N 184 
MAR C13   C14    sing N N 185 
MAR C14   H141   sing N N 186 
MAR C14   H142   sing N N 187 
MAR C14   H143   sing N N 188 
MAR C15   C16    sing N N 189 
MAR C15   H151   sing N N 190 
MAR C15   H152   sing N N 191 
MAR C16   C17    sing Y N 192 
MAR C17   O17    sing N N 193 
MAR C17   C18    doub Y N 194 
MAR O17   HO17   sing N N 195 
MAR C18   C19    sing N N 196 
MAR C19   O19    doub N N 197 
MAR C19   C20    sing N N 198 
MAR C21   H211   sing N N 199 
MAR C21   H212   sing N N 200 
MAR C21   H213   sing N N 201 
MAR "C1'" "C2'"  sing N N 202 
MAR "C1'" "O5'"  sing N N 203 
MAR "C1'" "H1'"  sing N N 204 
MAR "C2'" "C3'"  sing N N 205 
MAR "C2'" "H2'1" sing N N 206 
MAR "C2'" "H2'2" sing N N 207 
MAR "C3'" "N3'"  sing N N 208 
MAR "C3'" "C4'"  sing N N 209 
MAR "C3'" "H3'"  sing N N 210 
MAR "N3'" "HN'1" sing N N 211 
MAR "N3'" "HN'2" sing N N 212 
MAR "C4'" "O4'"  sing N N 213 
MAR "C4'" "C5'"  sing N N 214 
MAR "C4'" "H4'"  sing N N 215 
MAR "O4'" CB1    sing N N 216 
MAR "C5'" "O5'"  sing N N 217 
MAR "C5'" "C6'"  sing N N 218 
MAR "C5'" "H5'"  sing N N 219 
MAR "C6'" "H6'1" sing N N 220 
MAR "C6'" "H6'2" sing N N 221 
MAR "C6'" "H6'3" sing N N 222 
MAR CB1   CB2    sing N N 223 
MAR CB1   OB5    sing N N 224 
MAR CB1   HB1    sing N N 225 
MAR CB2   CB3    sing N N 226 
MAR CB2   HB21   sing N N 227 
MAR CB2   HB22   sing N N 228 
MAR CB3   OB3    sing N N 229 
MAR CB3   CB4    sing N N 230 
MAR CB3   HB3    sing N N 231 
MAR OB3   HOB3   sing N N 232 
MAR CB4   OB4    sing N N 233 
MAR CB4   CB5    sing N N 234 
MAR CB4   HB4    sing N N 235 
MAR OB4   HOB4   sing N N 236 
MAR CB5   OB5    sing N N 237 
MAR CB5   CB6    sing N N 238 
MAR CB5   HB5    sing N N 239 
MAR CB6   HB61   sing N N 240 
MAR CB6   HB62   sing N N 241 
MAR CB6   HB63   sing N N 242 
# 
_ndb_struct_conf_na.entry_id   1D36 
_ndb_struct_conf_na.feature    'b-form double helix' 
# 
loop_
_ndb_struct_na_base_pair.model_number 
_ndb_struct_na_base_pair.i_label_asym_id 
_ndb_struct_na_base_pair.i_label_comp_id 
_ndb_struct_na_base_pair.i_label_seq_id 
_ndb_struct_na_base_pair.i_symmetry 
_ndb_struct_na_base_pair.j_label_asym_id 
_ndb_struct_na_base_pair.j_label_comp_id 
_ndb_struct_na_base_pair.j_label_seq_id 
_ndb_struct_na_base_pair.j_symmetry 
_ndb_struct_na_base_pair.shear 
_ndb_struct_na_base_pair.stretch 
_ndb_struct_na_base_pair.stagger 
_ndb_struct_na_base_pair.buckle 
_ndb_struct_na_base_pair.propeller 
_ndb_struct_na_base_pair.opening 
_ndb_struct_na_base_pair.pair_number 
_ndb_struct_na_base_pair.pair_name 
_ndb_struct_na_base_pair.i_auth_asym_id 
_ndb_struct_na_base_pair.i_auth_seq_id 
_ndb_struct_na_base_pair.i_PDB_ins_code 
_ndb_struct_na_base_pair.j_auth_asym_id 
_ndb_struct_na_base_pair.j_auth_seq_id 
_ndb_struct_na_base_pair.j_PDB_ins_code 
_ndb_struct_na_base_pair.hbond_type_28 
_ndb_struct_na_base_pair.hbond_type_12 
1 A DC 1 1_555 A DG 6 8_665 0.149  -0.239 -0.027 5.560   0.309  -2.495 1 A_DC1:DG6_A A 1 ? A 6 ? 19 1 
1 A DG 2 1_555 A DC 5 8_665 -0.129 -0.183 -0.312 -16.978 2.730  0.273  2 A_DG2:DC5_A A 2 ? A 5 ? 19 1 
1 A DT 3 1_555 A DA 4 8_665 -0.175 -0.210 0.041  -4.954  -5.121 3.579  3 A_DT3:DA4_A A 3 ? A 4 ? 20 1 
1 A DA 4 1_555 A DT 3 8_665 0.175  -0.210 0.041  4.954   -5.121 3.579  4 A_DA4:DT3_A A 4 ? A 3 ? 20 1 
1 A DC 5 1_555 A DG 2 8_665 0.129  -0.183 -0.312 16.978  2.730  0.273  5 A_DC5:DG2_A A 5 ? A 2 ? 19 1 
1 A DG 6 1_555 A DC 1 8_665 -0.149 -0.239 -0.027 -5.560  0.309  -2.495 6 A_DG6:DC1_A A 6 ? A 1 ? 19 1 
# 
loop_
_ndb_struct_na_base_pair_step.model_number 
_ndb_struct_na_base_pair_step.i_label_asym_id_1 
_ndb_struct_na_base_pair_step.i_label_comp_id_1 
_ndb_struct_na_base_pair_step.i_label_seq_id_1 
_ndb_struct_na_base_pair_step.i_symmetry_1 
_ndb_struct_na_base_pair_step.j_label_asym_id_1 
_ndb_struct_na_base_pair_step.j_label_comp_id_1 
_ndb_struct_na_base_pair_step.j_label_seq_id_1 
_ndb_struct_na_base_pair_step.j_symmetry_1 
_ndb_struct_na_base_pair_step.i_label_asym_id_2 
_ndb_struct_na_base_pair_step.i_label_comp_id_2 
_ndb_struct_na_base_pair_step.i_label_seq_id_2 
_ndb_struct_na_base_pair_step.i_symmetry_2 
_ndb_struct_na_base_pair_step.j_label_asym_id_2 
_ndb_struct_na_base_pair_step.j_label_comp_id_2 
_ndb_struct_na_base_pair_step.j_label_seq_id_2 
_ndb_struct_na_base_pair_step.j_symmetry_2 
_ndb_struct_na_base_pair_step.shift 
_ndb_struct_na_base_pair_step.slide 
_ndb_struct_na_base_pair_step.rise 
_ndb_struct_na_base_pair_step.tilt 
_ndb_struct_na_base_pair_step.roll 
_ndb_struct_na_base_pair_step.twist 
_ndb_struct_na_base_pair_step.x_displacement 
_ndb_struct_na_base_pair_step.y_displacement 
_ndb_struct_na_base_pair_step.helical_rise 
_ndb_struct_na_base_pair_step.inclination 
_ndb_struct_na_base_pair_step.tip 
_ndb_struct_na_base_pair_step.helical_twist 
_ndb_struct_na_base_pair_step.step_number 
_ndb_struct_na_base_pair_step.step_name 
_ndb_struct_na_base_pair_step.i_auth_asym_id_1 
_ndb_struct_na_base_pair_step.i_auth_seq_id_1 
_ndb_struct_na_base_pair_step.i_PDB_ins_code_1 
_ndb_struct_na_base_pair_step.j_auth_asym_id_1 
_ndb_struct_na_base_pair_step.j_auth_seq_id_1 
_ndb_struct_na_base_pair_step.j_PDB_ins_code_1 
_ndb_struct_na_base_pair_step.i_auth_asym_id_2 
_ndb_struct_na_base_pair_step.i_auth_seq_id_2 
_ndb_struct_na_base_pair_step.i_PDB_ins_code_2 
_ndb_struct_na_base_pair_step.j_auth_asym_id_2 
_ndb_struct_na_base_pair_step.j_auth_seq_id_2 
_ndb_struct_na_base_pair_step.j_PDB_ins_code_2 
1 A DC 1 1_555 A DG 6 8_665 A DG 2 1_555 A DC 5 8_665 1.151  1.237 7.056 1.235  -2.484 35.992 2.752  -1.481 6.993 -4.012 -1.995 
36.095 1 AA_DC1DG2:DC5DG6_AA A 1 ? A 6 ? A 2 ? A 5 ? 
1 A DG 2 1_555 A DC 5 8_665 A DT 3 1_555 A DA 4 8_665 -0.950 0.007 3.150 -2.759 -2.658 28.102 0.614  1.318  3.212 -5.441 5.648  
28.357 2 AA_DG2DT3:DA4DC5_AA A 2 ? A 5 ? A 3 ? A 4 ? 
1 A DT 3 1_555 A DA 4 8_665 A DA 4 1_555 A DT 3 8_665 0.000  0.225 3.214 0.000  9.121  37.978 -0.754 0.000  3.182 13.773 0.000  
39.018 3 AA_DT3DA4:DT3DA4_AA A 3 ? A 4 ? A 4 ? A 3 ? 
1 A DA 4 1_555 A DT 3 8_665 A DC 5 1_555 A DG 2 8_665 0.950  0.007 3.150 2.759  -2.658 28.102 0.614  -1.318 3.212 -5.441 -5.648 
28.357 4 AA_DA4DC5:DG2DT3_AA A 4 ? A 3 ? A 5 ? A 2 ? 
1 A DC 5 1_555 A DG 2 8_665 A DG 6 1_555 A DC 1 8_665 -1.151 1.237 7.056 -1.235 -2.484 35.992 2.752  1.481  6.993 -4.012 1.995  
36.095 5 AA_DC5DG6:DC1DG2_AA A 5 ? A 2 ? A 6 ? A 1 ? 
# 
_atom_sites.entry_id                    1D36 
_atom_sites.fract_transf_matrix[1][1]   0.01503509 
_atom_sites.fract_transf_matrix[1][2]   -0.00074076 
_atom_sites.fract_transf_matrix[1][3]   -0.03237330 
_atom_sites.fract_transf_matrix[2][1]   -0.02375833 
_atom_sites.fract_transf_matrix[2][2]   -0.02450477 
_atom_sites.fract_transf_matrix[2][3]   -0.01047333 
_atom_sites.fract_transf_matrix[3][1]   -0.01160410 
_atom_sites.fract_transf_matrix[3][2]   0.01368787 
_atom_sites.fract_transf_matrix[3][3]   -0.00570248 
_atom_sites.fract_transf_vector[1]      0.575975 
_atom_sites.fract_transf_vector[2]      0.511328 
_atom_sites.fract_transf_vector[3]      0.191118 
# 
loop_
_atom_type.symbol 
C  
MG 
N  
O  
P  
# 
loop_
_atom_site.group_PDB 
_atom_site.id 
_atom_site.type_symbol 
_atom_site.label_atom_id 
_atom_site.label_alt_id 
_atom_site.label_comp_id 
_atom_site.label_asym_id 
_atom_site.label_entity_id 
_atom_site.label_seq_id 
_atom_site.pdbx_PDB_ins_code 
_atom_site.Cartn_x 
_atom_site.Cartn_y 
_atom_site.Cartn_z 
_atom_site.occupancy 
_atom_site.B_iso_or_equiv 
_atom_site.pdbx_formal_charge 
_atom_site.auth_seq_id 
_atom_site.auth_comp_id 
_atom_site.auth_asym_id 
_atom_site.auth_atom_id 
_atom_site.pdbx_PDB_model_num 
ATOM   1   O  "O5'" . DC  A 1 1 ? -14.519 5.581   0.718   1.00 16.50 ? 1  DC  A "O5'" 1 
ATOM   2   C  "C5'" . DC  A 1 1 ? -15.679 5.495   -0.128  1.00 15.05 ? 1  DC  A "C5'" 1 
ATOM   3   C  "C4'" . DC  A 1 1 ? -15.236 5.735   -1.559  1.00 14.66 ? 1  DC  A "C4'" 1 
ATOM   4   O  "O4'" . DC  A 1 1 ? -14.879 7.115   -1.569  1.00 14.64 ? 1  DC  A "O4'" 1 
ATOM   5   C  "C3'" . DC  A 1 1 ? -14.038 4.950   -2.057  1.00 14.89 ? 1  DC  A "C3'" 1 
ATOM   6   O  "O3'" . DC  A 1 1 ? -14.142 4.470   -3.401  1.00 15.47 ? 1  DC  A "O3'" 1 
ATOM   7   C  "C2'" . DC  A 1 1 ? -12.891 6.001   -1.974  1.00 13.90 ? 1  DC  A "C2'" 1 
ATOM   8   C  "C1'" . DC  A 1 1 ? -13.640 7.354   -2.217  1.00 12.78 ? 1  DC  A "C1'" 1 
ATOM   9   N  N1    . DC  A 1 1 ? -12.902 8.420   -1.564  1.00 11.38 ? 1  DC  A N1    1 
ATOM   10  C  C2    . DC  A 1 1 ? -11.958 9.173   -2.203  1.00 10.67 ? 1  DC  A C2    1 
ATOM   11  O  O2    . DC  A 1 1 ? -11.686 8.914   -3.396  1.00 11.67 ? 1  DC  A O2    1 
ATOM   12  N  N3    . DC  A 1 1 ? -11.205 10.077  -1.515  1.00 10.32 ? 1  DC  A N3    1 
ATOM   13  C  C4    . DC  A 1 1 ? -11.464 10.398  -0.250  1.00 9.84  ? 1  DC  A C4    1 
ATOM   14  N  N4    . DC  A 1 1 ? -10.773 11.272  0.406   1.00 10.31 ? 1  DC  A N4    1 
ATOM   15  C  C5    . DC  A 1 1 ? -12.502 9.641   0.431   1.00 10.15 ? 1  DC  A C5    1 
ATOM   16  C  C6    . DC  A 1 1 ? -13.158 8.714   -0.232  1.00 10.33 ? 1  DC  A C6    1 
ATOM   17  P  P     . DG  A 1 2 ? -14.260 3.104   -4.177  1.00 21.83 ? 2  DG  A P     1 
ATOM   18  O  OP1   . DG  A 1 2 ? -14.760 3.262   -5.482  1.00 20.85 ? 2  DG  A OP1   1 
ATOM   19  O  OP2   . DG  A 1 2 ? -14.745 2.175   -3.158  1.00 22.26 ? 2  DG  A OP2   1 
ATOM   20  O  "O5'" . DG  A 1 2 ? -12.567 2.954   -4.231  1.00 16.55 ? 2  DG  A "O5'" 1 
ATOM   21  C  "C5'" . DG  A 1 2 ? -11.792 3.500   -5.249  1.00 15.43 ? 2  DG  A "C5'" 1 
ATOM   22  C  "C4'" . DG  A 1 2 ? -10.350 3.128   -5.046  1.00 15.41 ? 2  DG  A "C4'" 1 
ATOM   23  O  "O4'" . DG  A 1 2 ? -9.828  3.853   -3.961  1.00 14.70 ? 2  DG  A "O4'" 1 
ATOM   24  C  "C3'" . DG  A 1 2 ? -10.092 1.665   -4.661  1.00 15.55 ? 2  DG  A "C3'" 1 
ATOM   25  O  "O3'" . DG  A 1 2 ? -8.889  1.242   -5.369  1.00 17.83 ? 2  DG  A "O3'" 1 
ATOM   26  C  "C2'" . DG  A 1 2 ? -9.965  1.683   -3.160  1.00 15.12 ? 2  DG  A "C2'" 1 
ATOM   27  C  "C1'" . DG  A 1 2 ? -9.167  2.993   -3.042  1.00 13.25 ? 2  DG  A "C1'" 1 
ATOM   28  N  N9    . DG  A 1 2 ? -9.052  3.416   -1.664  1.00 12.15 ? 2  DG  A N9    1 
ATOM   29  C  C8    . DG  A 1 2 ? -9.817  3.154   -0.577  1.00 11.66 ? 2  DG  A C8    1 
ATOM   30  N  N7    . DG  A 1 2 ? -9.402  3.783   0.507   1.00 11.95 ? 2  DG  A N7    1 
ATOM   31  C  C5    . DG  A 1 2 ? -8.228  4.411   0.117   1.00 10.92 ? 2  DG  A C5    1 
ATOM   32  C  C6    . DG  A 1 2 ? -7.299  5.246   0.811   1.00 10.20 ? 2  DG  A C6    1 
ATOM   33  O  O6    . DG  A 1 2 ? -7.377  5.553   2.006   1.00 11.19 ? 2  DG  A O6    1 
ATOM   34  N  N1    . DG  A 1 2 ? -6.305  5.730   0.038   1.00 9.69  ? 2  DG  A N1    1 
ATOM   35  C  C2    . DG  A 1 2 ? -6.172  5.470   -1.278  1.00 8.30  ? 2  DG  A C2    1 
ATOM   36  N  N2    . DG  A 1 2 ? -5.164  6.009   -1.932  1.00 8.96  ? 2  DG  A N2    1 
ATOM   37  N  N3    . DG  A 1 2 ? -6.984  4.680   -1.961  1.00 9.90  ? 2  DG  A N3    1 
ATOM   38  C  C4    . DG  A 1 2 ? -7.979  4.193   -1.211  1.00 10.78 ? 2  DG  A C4    1 
ATOM   39  P  P     . DT  A 1 3 ? -8.578  -0.205  -5.955  1.00 24.60 ? 3  DT  A P     1 
ATOM   40  O  OP1   . DT  A 1 3 ? -9.408  -0.459  -7.137  1.00 23.74 ? 3  DT  A OP1   1 
ATOM   41  O  OP2   . DT  A 1 3 ? -8.598  -0.990  -4.673  1.00 25.98 ? 3  DT  A OP2   1 
ATOM   42  O  "O5'" . DT  A 1 3 ? -7.082  0.063   -6.529  1.00 17.46 ? 3  DT  A "O5'" 1 
ATOM   43  C  "C5'" . DT  A 1 3 ? -6.733  1.196   -7.241  1.00 16.16 ? 3  DT  A "C5'" 1 
ATOM   44  C  "C4'" . DT  A 1 3 ? -5.462  1.732   -6.698  1.00 15.32 ? 3  DT  A "C4'" 1 
ATOM   45  O  "O4'" . DT  A 1 3 ? -5.594  2.365   -5.473  1.00 14.90 ? 3  DT  A "O4'" 1 
ATOM   46  C  "C3'" . DT  A 1 3 ? -4.299  0.692   -6.511  1.00 15.09 ? 3  DT  A "C3'" 1 
ATOM   47  O  "O3'" . DT  A 1 3 ? -3.471  0.910   -7.620  1.00 16.03 ? 3  DT  A "O3'" 1 
ATOM   48  C  "C2'" . DT  A 1 3 ? -3.657  1.086   -5.205  1.00 15.11 ? 3  DT  A "C2'" 1 
ATOM   49  C  "C1'" . DT  A 1 3 ? -4.397  2.268   -4.687  1.00 13.86 ? 3  DT  A "C1'" 1 
ATOM   50  N  N1    . DT  A 1 3 ? -4.773  2.060   -3.262  1.00 12.72 ? 3  DT  A N1    1 
ATOM   51  C  C2    . DT  A 1 3 ? -4.035  2.818   -2.365  1.00 11.62 ? 3  DT  A C2    1 
ATOM   52  O  O2    . DT  A 1 3 ? -3.175  3.545   -2.811  1.00 12.70 ? 3  DT  A O2    1 
ATOM   53  N  N3    . DT  A 1 3 ? -4.331  2.790   -1.057  1.00 11.07 ? 3  DT  A N3    1 
ATOM   54  C  C4    . DT  A 1 3 ? -5.347  1.976   -0.578  1.00 10.70 ? 3  DT  A C4    1 
ATOM   55  O  O4    . DT  A 1 3 ? -5.520  2.065   0.638   1.00 11.36 ? 3  DT  A O4    1 
ATOM   56  C  C5    . DT  A 1 3 ? -6.060  1.160   -1.474  1.00 11.40 ? 3  DT  A C5    1 
ATOM   57  C  C7    . DT  A 1 3 ? -7.172  0.267   -0.966  1.00 11.51 ? 3  DT  A C7    1 
ATOM   58  C  C6    . DT  A 1 3 ? -5.763  1.227   -2.792  1.00 12.05 ? 3  DT  A C6    1 
ATOM   59  P  P     . DA  A 1 4 ? -2.151  -0.017  -8.005  1.00 21.87 ? 4  DA  A P     1 
ATOM   60  O  OP1   . DA  A 1 4 ? -1.780  0.562   -9.317  1.00 17.46 ? 4  DA  A OP1   1 
ATOM   61  O  OP2   . DA  A 1 4 ? -2.516  -1.194  -7.212  1.00 17.55 ? 4  DA  A OP2   1 
ATOM   62  O  "O5'" . DA  A 1 4 ? -1.153  0.623   -6.868  1.00 15.13 ? 4  DA  A "O5'" 1 
ATOM   63  C  "C5'" . DA  A 1 4 ? -0.370  1.750   -7.179  1.00 14.84 ? 4  DA  A "C5'" 1 
ATOM   64  C  "C4'" . DA  A 1 4 ? 0.614   1.933   -6.059  1.00 14.61 ? 4  DA  A "C4'" 1 
ATOM   65  O  "O4'" . DA  A 1 4 ? 0.112   2.055   -4.781  1.00 14.31 ? 4  DA  A "O4'" 1 
ATOM   66  C  "C3'" . DA  A 1 4 ? 1.595   0.701   -6.050  1.00 14.65 ? 4  DA  A "C3'" 1 
ATOM   67  O  "O3'" . DA  A 1 4 ? 2.866   1.320   -6.187  1.00 16.31 ? 4  DA  A "O3'" 1 
ATOM   68  C  "C2'" . DA  A 1 4 ? 1.343   0.053   -4.763  1.00 14.62 ? 4  DA  A "C2'" 1 
ATOM   69  C  "C1'" . DA  A 1 4 ? 0.782   1.096   -3.886  1.00 12.94 ? 4  DA  A "C1'" 1 
ATOM   70  N  N9    . DA  A 1 4 ? -0.235  0.635   -2.957  1.00 12.04 ? 4  DA  A N9    1 
ATOM   71  C  C8    . DA  A 1 4 ? -1.331  -0.171  -3.204  1.00 11.42 ? 4  DA  A C8    1 
ATOM   72  N  N7    . DA  A 1 4 ? -2.070  -0.400  -2.214  1.00 11.09 ? 4  DA  A N7    1 
ATOM   73  C  C5    . DA  A 1 4 ? -1.537  0.412   -1.212  1.00 10.76 ? 4  DA  A C5    1 
ATOM   74  C  C6    . DA  A 1 4 ? -1.923  0.584   0.143   1.00 10.19 ? 4  DA  A C6    1 
ATOM   75  N  N6    . DA  A 1 4 ? -2.969  0.017   0.683   1.00 10.34 ? 4  DA  A N6    1 
ATOM   76  N  N1    . DA  A 1 4 ? -1.149  1.412   0.823   1.00 9.91  ? 4  DA  A N1    1 
ATOM   77  C  C2    . DA  A 1 4 ? -0.070  2.032   0.305   1.00 10.41 ? 4  DA  A C2    1 
ATOM   78  N  N3    . DA  A 1 4 ? 0.408   1.903   -0.993  1.00 11.55 ? 4  DA  A N3    1 
ATOM   79  C  C4    . DA  A 1 4 ? -0.424  1.059   -1.658  1.00 11.00 ? 4  DA  A C4    1 
ATOM   80  P  P     . DC  A 1 5 ? 4.344   0.644   -6.271  1.00 19.93 ? 5  DC  A P     1 
ATOM   81  O  OP1   . DC  A 1 5 ? 5.393   1.555   -6.781  1.00 19.58 ? 5  DC  A OP1   1 
ATOM   82  O  OP2   . DC  A 1 5 ? 3.986   -0.509  -7.066  1.00 20.27 ? 5  DC  A OP2   1 
ATOM   83  O  "O5'" . DC  A 1 5 ? 4.692   0.038   -4.754  1.00 16.92 ? 5  DC  A "O5'" 1 
ATOM   84  C  "C5'" . DC  A 1 5 ? 5.124   1.074   -3.830  1.00 16.11 ? 5  DC  A "C5'" 1 
ATOM   85  C  "C4'" . DC  A 1 5 ? 5.252   0.379   -2.495  1.00 15.20 ? 5  DC  A "C4'" 1 
ATOM   86  O  "O4'" . DC  A 1 5 ? 3.928   0.256   -1.955  1.00 14.51 ? 5  DC  A "O4'" 1 
ATOM   87  C  "C3'" . DC  A 1 5 ? 5.837   -1.035  -2.558  1.00 15.37 ? 5  DC  A "C3'" 1 
ATOM   88  O  "O3'" . DC  A 1 5 ? 6.790   -1.270  -1.517  1.00 15.40 ? 5  DC  A "O3'" 1 
ATOM   89  C  "C2'" . DC  A 1 5 ? 4.607   -1.939  -2.416  1.00 14.69 ? 5  DC  A "C2'" 1 
ATOM   90  C  "C1'" . DC  A 1 5 ? 3.805   -1.046  -1.466  1.00 14.17 ? 5  DC  A "C1'" 1 
ATOM   91  N  N1    . DC  A 1 5 ? 2.453   -1.534  -1.254  1.00 13.34 ? 5  DC  A N1    1 
ATOM   92  C  C2    . DC  A 1 5 ? 1.848   -1.220  -0.038  1.00 12.34 ? 5  DC  A C2    1 
ATOM   93  O  O2    . DC  A 1 5 ? 2.423   -0.391  0.692   1.00 12.82 ? 5  DC  A O2    1 
ATOM   94  N  N3    . DC  A 1 5 ? 0.662   -1.783  0.267   1.00 12.53 ? 5  DC  A N3    1 
ATOM   95  C  C4    . DC  A 1 5 ? 0.056   -2.628  -0.632  1.00 12.49 ? 5  DC  A C4    1 
ATOM   96  N  N4    . DC  A 1 5 ? -1.109  -3.220  -0.316  1.00 11.84 ? 5  DC  A N4    1 
ATOM   97  C  C5    . DC  A 1 5 ? 0.655   -2.941  -1.868  1.00 12.82 ? 5  DC  A C5    1 
ATOM   98  C  C6    . DC  A 1 5 ? 1.839   -2.379  -2.154  1.00 13.02 ? 5  DC  A C6    1 
ATOM   99  P  P     . DG  A 1 6 ? 8.381   -0.973  -1.622  1.00 17.70 ? 6  DG  A P     1 
ATOM   100 O  OP1   . DG  A 1 6 ? 8.820   0.251   -2.120  1.00 21.19 ? 6  DG  A OP1   1 
ATOM   101 O  OP2   . DG  A 1 6 ? 8.630   -2.371  -2.206  1.00 18.75 ? 6  DG  A OP2   1 
ATOM   102 O  "O5'" . DG  A 1 6 ? 8.838   -1.092  0.002   1.00 15.84 ? 6  DG  A "O5'" 1 
ATOM   103 C  "C5'" . DG  A 1 6 ? 8.861   0.041   0.851   1.00 14.10 ? 6  DG  A "C5'" 1 
ATOM   104 C  "C4'" . DG  A 1 6 ? 9.297   -0.356  2.222   1.00 13.70 ? 6  DG  A "C4'" 1 
ATOM   105 O  "O4'" . DG  A 1 6 ? 8.458   -1.351  2.747   1.00 13.30 ? 6  DG  A "O4'" 1 
ATOM   106 C  "C3'" . DG  A 1 6 ? 10.741  -0.932  2.281   1.00 13.32 ? 6  DG  A "C3'" 1 
ATOM   107 O  "O3'" . DG  A 1 6 ? 11.341  -0.511  3.476   1.00 14.89 ? 6  DG  A "O3'" 1 
ATOM   108 C  "C2'" . DG  A 1 6 ? 10.416  -2.390  2.074   1.00 12.96 ? 6  DG  A "C2'" 1 
ATOM   109 C  "C1'" . DG  A 1 6 ? 9.255   -2.597  2.960   1.00 11.79 ? 6  DG  A "C1'" 1 
ATOM   110 N  N9    . DG  A 1 6 ? 8.319   -3.632  2.519   1.00 10.02 ? 6  DG  A N9    1 
ATOM   111 C  C8    . DG  A 1 6 ? 8.239   -4.208  1.336   1.00 9.77  ? 6  DG  A C8    1 
ATOM   112 N  N7    . DG  A 1 6 ? 7.259   -5.033  1.175   1.00 10.09 ? 6  DG  A N7    1 
ATOM   113 C  C5    . DG  A 1 6 ? 6.701   -5.071  2.479   1.00 9.64  ? 6  DG  A C5    1 
ATOM   114 C  C6    . DG  A 1 6 ? 5.594   -5.809  3.014   1.00 8.67  ? 6  DG  A C6    1 
ATOM   115 O  O6    . DG  A 1 6 ? 4.966   -6.655  2.331   1.00 10.50 ? 6  DG  A O6    1 
ATOM   116 N  N1    . DG  A 1 6 ? 5.305   -5.579  4.295   1.00 8.97  ? 6  DG  A N1    1 
ATOM   117 C  C2    . DG  A 1 6 ? 5.997   -4.661  5.056   1.00 7.86  ? 6  DG  A C2    1 
ATOM   118 N  N2    . DG  A 1 6 ? 5.654   -4.461  6.323   1.00 8.72  ? 6  DG  A N2    1 
ATOM   119 N  N3    . DG  A 1 6 ? 7.027   -3.911  4.585   1.00 8.78  ? 6  DG  A N3    1 
ATOM   120 C  C4    . DG  A 1 6 ? 7.331   -4.232  3.318   1.00 9.22  ? 6  DG  A C4    1 
HETATM 121 C  C1    . MAR B 2 . ? 0.130   -6.395  1.207   1.00 12.99 ? 7  MAR A C1    1 
HETATM 122 C  C2    . MAR B 2 . ? 0.057   -6.943  -0.066  1.00 13.61 ? 7  MAR A C2    1 
HETATM 123 C  C3    . MAR B 2 . ? 1.039   -6.623  -1.085  1.00 14.00 ? 7  MAR A C3    1 
HETATM 124 C  C4    . MAR B 2 . ? 2.071   -5.694  -0.729  1.00 12.79 ? 7  MAR A C4    1 
HETATM 125 O  O4    . MAR B 2 . ? 3.006   -5.262  -1.543  1.00 13.93 ? 7  MAR A O4    1 
HETATM 126 C  C5    . MAR B 2 . ? 2.036   -5.172  0.612   1.00 12.73 ? 7  MAR A C5    1 
HETATM 127 C  C6    . MAR B 2 . ? 3.115   -4.198  1.001   1.00 11.69 ? 7  MAR A C6    1 
HETATM 128 O  O6    . MAR B 2 . ? 4.071   -3.784  0.295   1.00 13.13 ? 7  MAR A O6    1 
HETATM 129 C  C7    . MAR B 2 . ? 3.025   -3.641  2.365   1.00 11.01 ? 7  MAR A C7    1 
HETATM 130 C  C8    . MAR B 2 . ? 3.986   -2.751  2.772   1.00 10.33 ? 7  MAR A C8    1 
HETATM 131 O  O8    . MAR B 2 . ? 4.925   -2.285  1.998   1.00 10.44 ? 7  MAR A O8    1 
HETATM 132 C  C9    . MAR B 2 . ? 3.919   -2.208  4.070   1.00 11.49 ? 7  MAR A C9    1 
HETATM 133 C  C10   . MAR B 2 . ? 4.970   -1.145  4.468   1.00 13.09 ? 7  MAR A C10   1 
HETATM 134 O  O10   . MAR B 2 . ? 4.563   -0.007  3.571   1.00 15.53 ? 7  MAR A O10   1 
HETATM 135 C  C11   . MAR B 2 . ? 4.943   -0.735  5.910   1.00 13.11 ? 7  MAR A C11   1 
HETATM 136 C  C12   . MAR B 2 . ? 3.592   -0.802  6.585   1.00 13.76 ? 7  MAR A C12   1 
HETATM 137 O  O12   . MAR B 2 . ? 2.635   0.232   6.088   1.00 13.04 ? 7  MAR A O12   1 
HETATM 138 C  C13   . MAR B 2 . ? 3.721   -0.421  8.045   1.00 14.22 ? 7  MAR A C13   1 
HETATM 139 O  O13   . MAR B 2 . ? 3.707   -1.391  8.814   1.00 16.46 ? 7  MAR A O13   1 
HETATM 140 C  C14   . MAR B 2 . ? 3.518   0.985   8.573   1.00 15.27 ? 7  MAR A C14   1 
HETATM 141 C  C15   . MAR B 2 . ? 2.852   -2.159  6.412   1.00 12.46 ? 7  MAR A C15   1 
HETATM 142 C  C16   . MAR B 2 . ? 3.008   -2.619  5.045   1.00 10.71 ? 7  MAR A C16   1 
HETATM 143 C  C17   . MAR B 2 . ? 2.059   -3.533  4.591   1.00 10.50 ? 7  MAR A C17   1 
HETATM 144 O  O17   . MAR B 2 . ? 1.114   -3.966  5.506   1.00 11.26 ? 7  MAR A O17   1 
HETATM 145 C  C18   . MAR B 2 . ? 1.984   -4.087  3.339   1.00 10.67 ? 7  MAR A C18   1 
HETATM 146 C  C19   . MAR B 2 . ? 1.003   -5.047  2.909   1.00 11.40 ? 7  MAR A C19   1 
HETATM 147 O  O19   . MAR B 2 . ? 0.078   -5.541  3.625   1.00 12.44 ? 7  MAR A O19   1 
HETATM 148 C  C20   . MAR B 2 . ? 1.100   -5.501  1.537   1.00 11.92 ? 7  MAR A C20   1 
HETATM 149 C  C21   . MAR B 2 . ? 2.874   -5.687  -3.027  1.00 14.07 ? 7  MAR A C21   1 
HETATM 150 C  "C1'" . MAR B 2 . ? 5.560   0.794   3.045   1.00 18.13 ? 7  MAR A "C1'" 1 
HETATM 151 C  "C2'" . MAR B 2 . ? 5.163   1.325   1.690   1.00 19.28 ? 7  MAR A "C2'" 1 
HETATM 152 C  "C3'" . MAR B 2 . ? 3.877   2.217   1.869   1.00 21.07 ? 7  MAR A "C3'" 1 
HETATM 153 N  "N3'" . MAR B 2 . ? 3.566   2.660   0.430   1.00 20.00 ? 7  MAR A "N3'" 1 
HETATM 154 C  "C4'" . MAR B 2 . ? 4.133   3.317   2.849   1.00 21.73 ? 7  MAR A "C4'" 1 
HETATM 155 O  "O4'" . MAR B 2 . ? 5.183   4.262   2.420   1.00 24.67 ? 7  MAR A "O4'" 1 
HETATM 156 C  "C5'" . MAR B 2 . ? 4.525   2.722   4.204   1.00 21.43 ? 7  MAR A "C5'" 1 
HETATM 157 O  "O5'" . MAR B 2 . ? 5.800   1.919   3.993   1.00 19.90 ? 7  MAR A "O5'" 1 
HETATM 158 C  "C6'" . MAR B 2 . ? 4.989   3.722   5.308   1.00 21.48 ? 7  MAR A "C6'" 1 
HETATM 159 C  CB1   . MAR B 2 . ? 4.898   5.642   2.769   1.00 26.93 ? 7  MAR A CB1   1 
HETATM 160 C  CB2   . MAR B 2 . ? 6.002   6.240   3.611   1.00 27.97 ? 7  MAR A CB2   1 
HETATM 161 C  CB3   . MAR B 2 . ? 7.305   6.201   2.724   1.00 28.72 ? 7  MAR A CB3   1 
HETATM 162 O  OB3   . MAR B 2 . ? 8.430   6.516   3.644   1.00 29.58 ? 7  MAR A OB3   1 
HETATM 163 C  CB4   . MAR B 2 . ? 7.065   7.232   1.583   1.00 28.84 ? 7  MAR A CB4   1 
HETATM 164 O  OB4   . MAR B 2 . ? 8.390   7.137   0.850   1.00 29.21 ? 7  MAR A OB4   1 
HETATM 165 C  CB5   . MAR B 2 . ? 5.904   6.729   0.721   1.00 28.53 ? 7  MAR A CB5   1 
HETATM 166 O  OB5   . MAR B 2 . ? 4.669   6.490   1.590   1.00 27.99 ? 7  MAR A OB5   1 
HETATM 167 C  CB6   . MAR B 2 . ? 5.331   7.714   -0.309  1.00 28.91 ? 7  MAR A CB6   1 
HETATM 168 MG MG    . MG  C 3 . ? 5.871   -5.902  -1.053  1.00 28.07 ? 8  MG  A MG    1 
HETATM 169 O  O     . HOH D 4 . ? 4.591   -8.320  0.345   1.00 27.66 ? 9  HOH A O     1 
HETATM 170 O  O     . HOH D 4 . ? 7.462   -4.642  -3.210  1.00 33.88 ? 10 HOH A O     1 
HETATM 171 O  O     . HOH D 4 . ? 6.400   -8.288  -2.523  1.00 37.84 ? 11 HOH A O     1 
HETATM 172 O  O     . HOH D 4 . ? -4.181  -1.963  -2.602  1.00 34.80 ? 12 HOH A O     1 
HETATM 173 O  O     . HOH D 4 . ? -5.716  -0.809  3.556   1.00 41.48 ? 13 HOH A O     1 
HETATM 174 O  O     . HOH D 4 . ? -1.128  -5.202  -4.229  1.00 45.42 ? 14 HOH A O     1 
HETATM 175 O  O     . HOH D 4 . ? 3.463   -3.055  -5.261  1.00 25.05 ? 15 HOH A O     1 
HETATM 176 O  O     . HOH D 4 . ? 4.867   4.227   9.138   1.00 33.42 ? 16 HOH A O     1 
HETATM 177 O  O     . HOH D 4 . ? -2.282  -6.649  4.330   1.00 47.75 ? 17 HOH A O     1 
HETATM 178 O  O     . HOH D 4 . ? -7.629  -2.644  -8.794  1.00 36.64 ? 18 HOH A O     1 
HETATM 179 O  O     . HOH D 4 . ? 3.814   -4.431  9.662   1.00 27.06 ? 19 HOH A O     1 
HETATM 180 O  O     . HOH D 4 . ? 6.973   -3.122  8.378   1.00 36.80 ? 20 HOH A O     1 
HETATM 181 O  O     . HOH D 4 . ? 8.413   -2.159  6.059   1.00 24.31 ? 21 HOH A O     1 
HETATM 182 O  O     . HOH D 4 . ? 0.923   0.281   -10.493 1.00 46.92 ? 22 HOH A O     1 
HETATM 183 O  O     . HOH D 4 . ? -2.572  -4.845  -1.989  1.00 46.09 ? 23 HOH A O     1 
HETATM 184 O  O     . HOH D 4 . ? -4.425  -9.026  -2.680  1.00 33.63 ? 24 HOH A O     1 
HETATM 185 O  O     . HOH D 4 . ? 6.121   -4.116  -5.429  1.00 45.85 ? 25 HOH A O     1 
HETATM 186 O  O     . HOH D 4 . ? 17.080  5.066   9.357   1.00 49.56 ? 26 HOH A O     1 
HETATM 187 O  O     . HOH D 4 . ? 8.520   -8.626  -0.317  1.00 43.23 ? 27 HOH A O     1 
HETATM 188 O  O     . HOH D 4 . ? 9.779   -6.265  -1.688  1.00 54.19 ? 28 HOH A O     1 
HETATM 189 O  O     . HOH D 4 . ? -6.218  -2.287  -4.146  1.00 35.22 ? 29 HOH A O     1 
HETATM 190 O  O     . HOH D 4 . ? 1.915   4.963   0.546   1.00 28.46 ? 30 HOH A O     1 
HETATM 191 O  O     . HOH D 4 . ? -0.043  -3.463  -5.749  1.00 39.47 ? 31 HOH A O     1 
HETATM 192 O  O     . HOH D 4 . ? -7.700  -8.413  2.160   1.00 45.59 ? 32 HOH A O     1 
HETATM 193 O  O     . HOH D 4 . ? 1.794   1.538   12.127  1.00 41.20 ? 33 HOH A O     1 
HETATM 194 O  O     . HOH D 4 . ? 11.377  -3.896  -1.986  1.00 44.41 ? 34 HOH A O     1 
HETATM 195 O  O     . HOH D 4 . ? -4.444  -3.036  -6.206  1.00 43.55 ? 35 HOH A O     1 
HETATM 196 O  O     . HOH D 4 . ? -6.549  -1.273  6.961   1.00 49.31 ? 36 HOH A O     1 
HETATM 197 O  O     . HOH D 4 . ? 8.639   0.608   5.891   1.00 45.45 ? 37 HOH A O     1 
HETATM 198 O  O     . HOH D 4 . ? 3.480   -2.350  -7.036  1.00 51.19 ? 38 HOH A O     1 
HETATM 199 O  O     . HOH D 4 . ? 1.306   -2.702  -8.316  1.00 42.42 ? 39 HOH A O     1 
HETATM 200 O  O     . HOH D 4 . ? -5.566  -2.487  1.659   1.00 37.15 ? 40 HOH A O     1 
HETATM 201 O  O     . HOH D 4 . ? 8.242   2.877   3.783   1.00 41.27 ? 41 HOH A O     1 
HETATM 202 O  O     . HOH D 4 . ? 1.611   -6.342  -5.962  1.00 43.45 ? 42 HOH A O     1 
HETATM 203 O  O     . HOH D 4 . ? 8.939   4.329   7.255   1.00 46.72 ? 43 HOH A O     1 
HETATM 204 O  O     . HOH D 4 . ? 13.145  3.209   10.769  1.00 52.87 ? 44 HOH A O     1 
HETATM 205 O  O     . HOH D 4 . ? -9.233  -6.417  -1.943  1.00 50.49 ? 45 HOH A O     1 
HETATM 206 O  O     . HOH D 4 . ? -7.043  -4.921  2.629   1.00 48.66 ? 46 HOH A O     1 
HETATM 207 O  O     . HOH D 4 . ? -6.366  -6.875  -0.159  1.00 51.09 ? 47 HOH A O     1 
HETATM 208 O  O     . HOH D 4 . ? -6.100  -12.068 2.508   1.00 53.22 ? 48 HOH A O     1 
HETATM 209 O  O     . HOH D 4 . ? -5.130  -3.148  4.815   1.00 58.28 ? 49 HOH A O     1 
HETATM 210 O  O     . HOH D 4 . ? 10.191  8.083   6.576   1.00 62.61 ? 50 HOH A O     1 
HETATM 211 O  O     . HOH D 4 . ? 4.126   4.034   12.094  1.00 53.49 ? 51 HOH A O     1 
HETATM 212 O  O     . HOH D 4 . ? -5.835  -10.870 -1.183  1.00 64.59 ? 52 HOH A O     1 
HETATM 213 O  O     . HOH D 4 . ? 4.320   -0.206  12.074  1.00 53.20 ? 53 HOH A O     1 
HETATM 214 O  O     . HOH D 4 . ? 6.898   1.116   11.249  1.00 55.71 ? 54 HOH A O     1 
HETATM 215 O  O     . HOH D 4 . ? 10.236  1.892   9.671   1.00 49.21 ? 55 HOH A O     1 
HETATM 216 O  O     . HOH D 4 . ? 2.728   -5.259  12.411  1.00 48.23 ? 56 HOH A O     1 
HETATM 217 O  O     . HOH D 4 . ? 9.342   -0.824  10.423  1.00 43.93 ? 57 HOH A O     1 
HETATM 218 O  O     . HOH D 4 . ? -9.425  -3.453  3.194   1.00 57.01 ? 58 HOH A O     1 
HETATM 219 O  O     . HOH D 4 . ? -6.628  -3.059  -0.498  1.00 59.02 ? 59 HOH A O     1 
HETATM 220 O  O     . HOH D 4 . ? -7.898  -2.087  4.784   1.00 49.76 ? 60 HOH A O     1 
HETATM 221 O  O     . HOH D 4 . ? 6.111   4.265   -6.034  1.00 51.69 ? 61 HOH A O     1 
HETATM 222 O  O     . HOH D 4 . ? 6.596   8.171   5.612   1.00 60.04 ? 62 HOH A O     1 
HETATM 223 O  O     . HOH D 4 . ? 9.276   -3.866  -4.968  1.00 57.29 ? 63 HOH A O     1 
HETATM 224 O  O     . HOH D 4 . ? -12.602 1.353   -0.251  1.00 39.71 ? 64 HOH A O     1 
HETATM 225 O  O     . HOH D 4 . ? -13.290 -0.472  -3.071  1.00 50.48 ? 65 HOH A O     1 
HETATM 226 O  O     . HOH D 4 . ? 8.419   3.516   -3.813  1.00 51.04 ? 66 HOH A O     1 
HETATM 227 O  O     . HOH D 4 . ? 7.525   3.227   -1.282  1.00 50.95 ? 67 HOH A O     1 
HETATM 228 O  O     . HOH D 4 . ? 14.887  -10.410 -7.179  1.00 62.28 ? 68 HOH A O     1 
HETATM 229 O  O     . HOH D 4 . ? 13.197  3.499   6.622   1.00 59.59 ? 69 HOH A O     1 
HETATM 230 O  O     . HOH D 4 . ? 9.957   -8.405  -7.657  1.00 61.55 ? 70 HOH A O     1 
HETATM 231 O  O     . HOH D 4 . ? 6.670   6.131   -2.431  1.00 55.81 ? 71 HOH A O     1 
HETATM 232 O  O     . HOH D 4 . ? -4.761  -5.597  4.220   1.00 49.53 ? 72 HOH A O     1 
HETATM 233 O  O     . HOH D 4 . ? -4.445  -9.047  2.398   1.00 54.79 ? 73 HOH A O     1 
HETATM 234 O  O     . HOH D 4 . ? 6.691   0.966   8.611   1.00 52.39 ? 74 HOH A O     1 
HETATM 235 O  O     . HOH D 4 . ? 5.397   7.284   8.153   1.00 47.15 ? 75 HOH A O     1 
HETATM 236 O  O     . HOH D 4 . ? -11.707 -7.753  -0.272  1.00 54.69 ? 76 HOH A O     1 
# 
